data_7TO0
#
_entry.id   7TO0
#
_cell.length_a   1.00
_cell.length_b   1.00
_cell.length_c   1.00
_cell.angle_alpha   90.00
_cell.angle_beta   90.00
_cell.angle_gamma   90.00
#
_symmetry.space_group_name_H-M   'P 1'
#
loop_
_entity.id
_entity.type
_entity.pdbx_description
1 polymer 'Antiviral innate immune response receptor RIG-I'
2 polymer OHdsRNA
3 non-polymer 'ZINC ION'
#
loop_
_entity_poly.entity_id
_entity_poly.type
_entity_poly.pdbx_seq_one_letter_code
_entity_poly.pdbx_strand_id
1 'polypeptide(L)'
;MTTEQRRSLQAFQDYIRKTLDPTYILSYMAPWFREEEVQYIQAEKNNKGPMEAATLFLKFLLELQEEGWFRGFLDALDHA
GYSGLYEAIESWDFKKIEKLEEYRLLLKRLQPEFKTRIIPTDIISDLSECLINQECEEILQICSTKGMMAGAEKLVECLL
RSDKENWPKTLKLALEKERNKFSELWIVEKGIKDVETEDLEDKMETSDIQIFYQEDPECQNLSENSCPPSEVSDTNLYSP
FKPRNYQLELALPAMKGKNTIICAPTGCGKTFVSLLICEHHLKKFPQGQKGKVVFFANQIPVYEQQKSVFSKYFERHGYR
VTGISGATAENVPVEQIVENNDIIILTPQILVNNLKKGTIPSLSIFTLMIFDECHNTSKQHPYNMIMFNYLDQKLGGSSG
PLPQVIGLTASVGVGDAKNTDEALDYICKLCASLDASVIATVKHNLEELEQVVYKPQKFFRKVESRISDKFKYIIAQLMR
DTESLAKRICKDLENLSQIQNREFGTQKYEQWIVTVQKACMVFQMPDKDEESRICKALFLYTSHLRKYNDALIISEHARM
KDALDYLKDFFSNVRAAGFDEIEQDLTQRFEEKLQELESVSRDPSNENPKLEDLCFILQEEYHLNPETITILFVKTRALV
DALKNWIEGNPKLSFLKPGILTGRGKTNQNTGMTLPAQKCILDAFKASGDHNILIATSVADEGIDIAQCNLVILYEYVGN
VIKMIQTRGRGRARGSKCFLLTSNAGVIEKEQINMYKEKMMNDSILRLQTWDEAVFREKILHIQTHEKFIRDSQEKPKPV
PDKENKKLLCRKCKALACYTADVRVIEECHYTVLGDAFKECFVSRPHPKPKQFSSFEKRAKIFCARQNCSHDWGIHVKYK
TFEIPVIKIESFVVEDIATGVQTLYSKWKDFHFEKIPFDPAEMSK
;
A
2 'polyribonucleotide' GGACGUACGUCGCGACGUACGUCC B,C
#
# COMPACT_ATOMS: atom_id res chain seq x y z
N PHE A 241 4.25 32.57 -12.04
CA PHE A 241 3.23 32.43 -10.95
C PHE A 241 1.99 33.26 -11.27
N LYS A 242 1.53 33.21 -12.51
CA LYS A 242 0.34 33.97 -12.93
C LYS A 242 -0.89 33.12 -12.68
N PRO A 243 -1.92 33.65 -12.00
CA PRO A 243 -3.16 32.89 -11.78
C PRO A 243 -3.96 32.73 -13.08
N ARG A 244 -4.30 31.49 -13.40
CA ARG A 244 -5.07 31.17 -14.62
C ARG A 244 -6.54 31.57 -14.42
N ASN A 245 -7.30 31.57 -15.51
CA ASN A 245 -8.71 32.01 -15.50
C ASN A 245 -9.59 30.97 -14.79
N TYR A 246 -9.21 29.69 -14.78
CA TYR A 246 -10.03 28.63 -14.16
C TYR A 246 -9.70 28.49 -12.67
N GLN A 247 -8.49 28.84 -12.25
CA GLN A 247 -8.10 28.71 -10.82
C GLN A 247 -8.92 29.70 -9.98
N LEU A 248 -9.20 30.89 -10.51
CA LEU A 248 -10.03 31.89 -9.79
C LEU A 248 -11.45 31.36 -9.66
N GLU A 249 -11.99 30.74 -10.69
CA GLU A 249 -13.37 30.18 -10.65
C GLU A 249 -13.41 28.99 -9.69
N LEU A 250 -12.33 28.22 -9.60
CA LEU A 250 -12.27 27.08 -8.65
C LEU A 250 -12.13 27.59 -7.21
N ALA A 251 -11.41 28.68 -6.99
CA ALA A 251 -11.14 29.19 -5.62
C ALA A 251 -12.25 30.16 -5.17
N LEU A 252 -13.14 30.59 -6.07
CA LEU A 252 -14.22 31.55 -5.69
C LEU A 252 -15.19 30.94 -4.69
N PRO A 253 -15.67 29.68 -4.77
CA PRO A 253 -16.44 29.10 -3.66
C PRO A 253 -15.64 28.92 -2.37
N ALA A 254 -14.32 28.76 -2.47
CA ALA A 254 -13.45 28.53 -1.29
C ALA A 254 -13.24 29.83 -0.54
N MET A 255 -13.32 30.98 -1.20
CA MET A 255 -13.11 32.29 -0.55
C MET A 255 -14.44 32.87 -0.07
N LYS A 256 -15.20 32.07 0.69
CA LYS A 256 -16.51 32.53 1.23
C LYS A 256 -16.70 32.13 2.69
N GLY A 257 -15.84 31.26 3.25
CA GLY A 257 -15.97 30.76 4.62
C GLY A 257 -16.72 29.43 4.68
N LYS A 258 -16.81 28.71 3.56
CA LYS A 258 -17.52 27.42 3.50
C LYS A 258 -16.54 26.34 3.07
N ASN A 259 -16.72 25.14 3.59
CA ASN A 259 -15.83 23.98 3.30
C ASN A 259 -16.14 23.50 1.88
N THR A 260 -15.09 23.15 1.13
CA THR A 260 -15.20 22.80 -0.31
C THR A 260 -14.56 21.43 -0.59
N ILE A 261 -15.01 20.82 -1.68
CA ILE A 261 -14.52 19.51 -2.18
C ILE A 261 -13.96 19.75 -3.59
N ILE A 262 -13.19 20.82 -3.73
CA ILE A 262 -12.62 21.27 -5.03
C ILE A 262 -11.91 20.09 -5.72
N CYS A 263 -12.30 19.77 -6.94
CA CYS A 263 -11.72 18.64 -7.70
C CYS A 263 -11.17 19.15 -9.04
N ALA A 264 -9.85 19.16 -9.16
CA ALA A 264 -9.13 19.54 -10.40
C ALA A 264 -8.32 18.34 -10.87
N PRO A 265 -8.41 17.96 -12.17
CA PRO A 265 -7.65 16.82 -12.67
C PRO A 265 -6.15 17.12 -12.90
N THR A 266 -5.81 18.39 -13.07
CA THR A 266 -4.42 18.83 -13.30
C THR A 266 -3.64 18.76 -11.98
N GLY A 267 -2.32 18.61 -12.10
CA GLY A 267 -1.40 18.46 -10.96
C GLY A 267 -1.04 19.77 -10.31
N CYS A 268 -0.34 20.63 -11.06
CA CYS A 268 0.19 21.93 -10.58
C CYS A 268 -0.96 22.89 -10.27
N GLY A 269 -2.11 22.72 -10.93
CA GLY A 269 -3.28 23.60 -10.73
C GLY A 269 -3.80 23.50 -9.31
N LYS A 270 -3.81 22.30 -8.75
CA LYS A 270 -4.29 22.10 -7.35
C LYS A 270 -3.32 22.80 -6.39
N THR A 271 -2.02 22.73 -6.67
CA THR A 271 -1.00 23.37 -5.81
C THR A 271 -1.18 24.89 -5.86
N PHE A 272 -1.36 25.43 -7.06
CA PHE A 272 -1.53 26.89 -7.23
C PHE A 272 -2.85 27.34 -6.60
N VAL A 273 -3.90 26.53 -6.71
CA VAL A 273 -5.22 26.85 -6.12
C VAL A 273 -5.08 26.87 -4.59
N SER A 274 -4.39 25.89 -4.01
CA SER A 274 -4.18 25.84 -2.54
C SER A 274 -3.34 27.03 -2.10
N LEU A 275 -2.34 27.42 -2.90
CA LEU A 275 -1.47 28.58 -2.56
C LEU A 275 -2.30 29.86 -2.60
N LEU A 276 -3.15 30.02 -3.61
CA LEU A 276 -3.99 31.25 -3.74
C LEU A 276 -5.00 31.28 -2.60
N ILE A 277 -5.54 30.12 -2.21
CA ILE A 277 -6.52 30.04 -1.09
C ILE A 277 -5.81 30.42 0.22
N CYS A 278 -4.61 29.93 0.41
CA CYS A 278 -3.81 30.27 1.63
C CYS A 278 -3.49 31.76 1.63
N GLU A 279 -3.15 32.33 0.48
CA GLU A 279 -2.81 33.77 0.37
C GLU A 279 -4.05 34.60 0.69
N HIS A 280 -5.22 34.19 0.22
CA HIS A 280 -6.47 34.94 0.49
C HIS A 280 -6.87 34.77 1.95
N HIS A 281 -6.60 33.61 2.56
CA HIS A 281 -7.04 33.33 3.94
C HIS A 281 -6.12 34.02 4.95
N LEU A 282 -4.84 34.19 4.62
CA LEU A 282 -3.87 34.81 5.56
C LEU A 282 -3.93 36.34 5.47
N LYS A 283 -4.88 36.92 4.73
CA LYS A 283 -5.01 38.39 4.64
C LYS A 283 -6.34 38.88 5.19
N LYS A 284 -7.35 38.02 5.31
CA LYS A 284 -8.70 38.42 5.79
C LYS A 284 -8.68 38.68 7.30
N PHE A 285 -7.71 38.12 8.02
CA PHE A 285 -7.64 38.30 9.49
C PHE A 285 -7.15 39.71 9.80
N PRO A 286 -7.81 40.43 10.73
CA PRO A 286 -7.33 41.76 11.13
C PRO A 286 -6.14 41.68 12.09
N GLN A 287 -5.73 42.84 12.59
CA GLN A 287 -4.61 42.96 13.54
C GLN A 287 -4.99 42.33 14.87
N GLY A 288 -3.98 41.79 15.57
CA GLY A 288 -4.12 41.19 16.90
C GLY A 288 -4.41 39.69 16.84
N GLN A 289 -4.58 39.12 15.64
CA GLN A 289 -4.79 37.65 15.50
C GLN A 289 -4.24 37.22 14.15
N LYS A 290 -3.65 36.04 14.10
CA LYS A 290 -3.02 35.50 12.87
C LYS A 290 -3.63 34.14 12.55
N GLY A 291 -3.37 33.66 11.34
CA GLY A 291 -3.89 32.39 10.85
C GLY A 291 -3.01 31.21 11.24
N LYS A 292 -3.62 30.03 11.31
CA LYS A 292 -2.92 28.76 11.59
C LYS A 292 -3.36 27.70 10.59
N VAL A 293 -3.28 28.03 9.31
CA VAL A 293 -3.66 27.08 8.22
C VAL A 293 -2.73 25.87 8.23
N VAL A 294 -3.32 24.68 8.24
CA VAL A 294 -2.57 23.40 8.22
C VAL A 294 -2.91 22.66 6.94
N PHE A 295 -1.89 22.27 6.18
CA PHE A 295 -2.05 21.52 4.92
C PHE A 295 -1.54 20.10 5.13
N PHE A 296 -2.46 19.16 5.25
CA PHE A 296 -2.13 17.72 5.42
C PHE A 296 -1.71 17.12 4.08
N ALA A 297 -0.65 16.34 4.10
CA ALA A 297 -0.14 15.61 2.92
C ALA A 297 0.31 14.24 3.38
N ASN A 298 -0.13 13.19 2.69
CA ASN A 298 0.13 11.80 3.13
C ASN A 298 1.56 11.39 2.80
N GLN A 299 1.91 11.39 1.53
CA GLN A 299 3.22 10.86 1.08
C GLN A 299 4.32 11.89 1.32
N ILE A 300 5.51 11.37 1.62
CA ILE A 300 6.72 12.19 1.91
C ILE A 300 7.19 12.96 0.67
N PRO A 301 7.29 12.40 -0.56
CA PRO A 301 7.71 13.21 -1.70
C PRO A 301 6.79 14.40 -2.03
N VAL A 302 5.47 14.16 -2.08
CA VAL A 302 4.49 15.25 -2.35
C VAL A 302 4.48 16.22 -1.16
N TYR A 303 4.71 15.73 0.04
CA TYR A 303 4.82 16.60 1.25
C TYR A 303 6.03 17.52 1.11
N GLU A 304 7.17 16.99 0.68
CA GLU A 304 8.41 17.80 0.53
C GLU A 304 8.25 18.80 -0.61
N GLN A 305 7.58 18.40 -1.70
CA GLN A 305 7.33 19.30 -2.84
C GLN A 305 6.42 20.46 -2.38
N GLN A 306 5.35 20.13 -1.67
CA GLN A 306 4.39 21.15 -1.17
C GLN A 306 5.09 22.06 -0.17
N LYS A 307 5.97 21.51 0.66
CA LYS A 307 6.71 22.33 1.66
C LYS A 307 7.67 23.27 0.94
N SER A 308 8.36 22.79 -0.10
CA SER A 308 9.31 23.61 -0.87
C SER A 308 8.57 24.76 -1.56
N VAL A 309 7.46 24.47 -2.22
CA VAL A 309 6.72 25.52 -2.98
C VAL A 309 6.04 26.47 -1.99
N PHE A 310 5.61 25.97 -0.83
CA PHE A 310 4.98 26.84 0.19
C PHE A 310 6.02 27.79 0.79
N SER A 311 7.24 27.30 1.05
CA SER A 311 8.34 28.15 1.57
C SER A 311 8.71 29.19 0.51
N LYS A 312 8.86 28.76 -0.75
CA LYS A 312 9.27 29.69 -1.83
C LYS A 312 8.15 30.69 -2.14
N TYR A 313 6.90 30.40 -1.81
CA TYR A 313 5.78 31.32 -2.11
C TYR A 313 5.44 32.21 -0.90
N PHE A 314 5.73 31.77 0.33
CA PHE A 314 5.29 32.50 1.53
C PHE A 314 6.44 33.04 2.39
N GLU A 315 7.70 32.77 2.04
CA GLU A 315 8.82 33.34 2.81
C GLU A 315 9.22 34.69 2.20
N ARG A 316 8.26 35.57 1.98
CA ARG A 316 8.51 36.94 1.50
C ARG A 316 7.65 37.93 2.28
N HIS A 317 6.55 37.47 2.85
CA HIS A 317 5.56 38.32 3.56
C HIS A 317 5.68 38.18 5.07
N GLY A 318 6.54 37.27 5.56
CA GLY A 318 6.69 36.99 7.01
C GLY A 318 5.74 35.90 7.47
N TYR A 319 5.65 34.82 6.70
CA TYR A 319 4.83 33.64 7.04
C TYR A 319 5.77 32.46 7.25
N ARG A 320 5.90 32.03 8.50
CA ARG A 320 6.82 30.93 8.87
C ARG A 320 6.24 29.59 8.40
N VAL A 321 6.91 28.95 7.45
CA VAL A 321 6.48 27.62 6.93
C VAL A 321 7.44 26.56 7.42
N THR A 322 6.90 25.55 8.07
CA THR A 322 7.68 24.41 8.58
C THR A 322 7.04 23.10 8.11
N GLY A 323 7.53 21.99 8.63
CA GLY A 323 7.03 20.65 8.26
C GLY A 323 7.48 19.59 9.24
N ILE A 324 6.56 18.73 9.67
CA ILE A 324 6.86 17.67 10.67
C ILE A 324 6.66 16.31 10.03
N SER A 325 7.57 15.38 10.31
CA SER A 325 7.52 13.99 9.81
C SER A 325 8.15 13.06 10.86
N GLY A 326 8.40 11.82 10.48
CA GLY A 326 9.09 10.83 11.33
C GLY A 326 10.53 11.22 11.63
N ALA A 327 11.20 11.85 10.66
CA ALA A 327 12.59 12.32 10.82
C ALA A 327 12.61 13.75 11.39
N THR A 328 11.48 14.23 11.90
CA THR A 328 11.40 15.60 12.47
C THR A 328 10.82 15.59 13.88
N ALA A 329 9.87 14.71 14.19
CA ALA A 329 9.14 14.70 15.47
C ALA A 329 9.78 13.74 16.47
N GLU A 330 11.11 13.61 16.50
CA GLU A 330 11.79 12.67 17.42
C GLU A 330 11.70 13.21 18.85
N ASN A 331 12.17 14.43 19.08
CA ASN A 331 12.20 15.02 20.44
C ASN A 331 11.94 16.53 20.34
N VAL A 332 10.98 16.92 19.51
CA VAL A 332 10.64 18.36 19.36
C VAL A 332 9.32 18.62 20.06
N PRO A 333 9.12 19.83 20.63
CA PRO A 333 7.82 20.19 21.19
C PRO A 333 6.79 20.48 20.10
N VAL A 334 5.80 19.61 19.98
CA VAL A 334 4.81 19.67 18.88
C VAL A 334 3.86 20.85 19.12
N GLU A 335 3.42 21.05 20.36
CA GLU A 335 2.51 22.18 20.68
C GLU A 335 3.24 23.52 20.48
N GLN A 336 4.52 23.58 20.83
CA GLN A 336 5.33 24.82 20.62
C GLN A 336 5.50 25.07 19.13
N ILE A 337 5.84 24.04 18.35
CA ILE A 337 6.11 24.22 16.91
C ILE A 337 4.79 24.46 16.17
N VAL A 338 3.66 24.11 16.78
CA VAL A 338 2.35 24.51 16.21
C VAL A 338 2.07 25.98 16.58
N GLU A 339 2.41 26.39 17.79
CA GLU A 339 2.08 27.75 18.29
C GLU A 339 2.90 28.81 17.55
N ASN A 340 4.22 28.66 17.48
CA ASN A 340 5.11 29.72 16.95
C ASN A 340 5.20 29.67 15.41
N ASN A 341 4.33 28.92 14.74
CA ASN A 341 4.33 28.84 13.25
C ASN A 341 2.92 29.09 12.72
N ASP A 342 2.80 29.30 11.42
CA ASP A 342 1.52 29.63 10.75
C ASP A 342 1.09 28.49 9.82
N ILE A 343 1.98 28.03 8.95
CA ILE A 343 1.65 26.96 7.98
C ILE A 343 2.33 25.68 8.42
N ILE A 344 1.57 24.73 8.92
CA ILE A 344 2.09 23.42 9.37
C ILE A 344 1.72 22.38 8.31
N ILE A 345 2.70 21.64 7.83
CA ILE A 345 2.51 20.65 6.74
C ILE A 345 2.76 19.26 7.31
N LEU A 346 2.23 19.02 8.50
CA LEU A 346 2.47 17.72 9.17
C LEU A 346 1.83 16.58 8.37
N THR A 347 2.19 15.37 8.74
CA THR A 347 1.62 14.12 8.21
C THR A 347 0.59 13.70 9.24
N PRO A 348 -0.64 13.47 8.73
CA PRO A 348 -1.88 13.23 9.47
C PRO A 348 -1.84 12.13 10.52
N GLN A 349 -0.97 11.12 10.33
CA GLN A 349 -0.76 10.09 11.38
C GLN A 349 -0.13 10.72 12.61
N ILE A 350 0.82 11.64 12.41
CA ILE A 350 1.45 12.39 13.53
C ILE A 350 0.40 13.20 14.28
N LEU A 351 -0.51 13.84 13.55
CA LEU A 351 -1.56 14.67 14.18
C LEU A 351 -2.53 13.74 14.92
N VAL A 352 -2.82 12.57 14.37
CA VAL A 352 -3.74 11.60 15.03
C VAL A 352 -3.10 11.13 16.34
N ASN A 353 -1.80 10.82 16.31
CA ASN A 353 -1.07 10.36 17.52
C ASN A 353 -1.05 11.50 18.55
N ASN A 354 -0.88 12.73 18.09
CA ASN A 354 -0.84 13.91 19.00
C ASN A 354 -2.19 14.09 19.67
N LEU A 355 -3.28 14.01 18.90
CA LEU A 355 -4.65 14.09 19.46
C LEU A 355 -4.88 12.90 20.39
N LYS A 356 -4.20 11.78 20.15
CA LYS A 356 -4.42 10.55 20.96
C LYS A 356 -3.81 10.74 22.34
N LYS A 357 -2.50 11.00 22.44
CA LYS A 357 -1.80 10.90 23.75
C LYS A 357 -2.13 12.11 24.63
N GLY A 358 -1.62 13.29 24.31
CA GLY A 358 -1.82 14.44 25.22
C GLY A 358 -1.68 15.79 24.56
N THR A 359 -1.71 15.88 23.23
CA THR A 359 -1.40 17.14 22.52
C THR A 359 -2.63 17.64 21.78
N ILE A 360 -2.76 18.97 21.72
CA ILE A 360 -3.86 19.70 21.00
C ILE A 360 -5.21 19.16 21.47
N PRO A 361 -5.69 19.55 22.67
CA PRO A 361 -6.94 19.00 23.21
C PRO A 361 -8.18 19.33 22.35
N SER A 362 -8.12 20.40 21.57
CA SER A 362 -9.21 20.83 20.66
C SER A 362 -8.60 21.27 19.34
N LEU A 363 -9.29 20.98 18.24
CA LEU A 363 -8.85 21.35 16.87
C LEU A 363 -9.24 22.79 16.55
N SER A 364 -9.64 23.59 17.52
CA SER A 364 -10.03 25.01 17.30
C SER A 364 -8.80 25.90 17.15
N ILE A 365 -7.59 25.36 17.29
CA ILE A 365 -6.34 26.15 17.16
C ILE A 365 -6.16 26.54 15.69
N PHE A 366 -6.35 25.59 14.77
CA PHE A 366 -6.23 25.88 13.33
C PHE A 366 -7.49 26.61 12.84
N THR A 367 -7.39 27.21 11.67
CA THR A 367 -8.53 27.91 11.05
C THR A 367 -8.70 27.53 9.57
N LEU A 368 -7.80 26.74 8.99
CA LEU A 368 -7.96 26.30 7.58
C LEU A 368 -7.29 24.95 7.43
N MET A 369 -8.09 23.89 7.44
CA MET A 369 -7.57 22.51 7.41
C MET A 369 -7.68 22.00 5.98
N ILE A 370 -6.61 22.15 5.22
CA ILE A 370 -6.59 21.70 3.80
C ILE A 370 -6.04 20.28 3.76
N PHE A 371 -6.61 19.46 2.88
CA PHE A 371 -6.21 18.04 2.72
C PHE A 371 -5.66 17.84 1.32
N ASP A 372 -4.59 17.09 1.19
CA ASP A 372 -4.10 16.62 -0.12
C ASP A 372 -4.62 15.21 -0.34
N GLU A 373 -5.22 14.96 -1.50
CA GLU A 373 -5.87 13.68 -1.86
C GLU A 373 -6.91 13.33 -0.80
N CYS A 374 -7.95 14.15 -0.71
CA CYS A 374 -9.00 13.98 0.33
C CYS A 374 -9.89 12.79 0.00
N HIS A 375 -9.86 12.30 -1.25
CA HIS A 375 -10.65 11.12 -1.67
C HIS A 375 -10.16 9.85 -0.97
N ASN A 376 -8.99 9.91 -0.35
CA ASN A 376 -8.46 8.81 0.51
C ASN A 376 -9.20 8.77 1.84
N THR A 377 -10.12 9.68 2.12
CA THR A 377 -10.99 9.58 3.32
C THR A 377 -11.83 8.32 3.22
N SER A 378 -11.70 7.43 4.18
CA SER A 378 -12.23 6.04 4.06
C SER A 378 -12.64 5.56 5.44
N LYS A 379 -12.58 4.26 5.69
CA LYS A 379 -13.22 3.62 6.86
C LYS A 379 -12.43 4.01 8.11
N GLN A 380 -11.12 3.84 8.08
CA GLN A 380 -10.26 4.09 9.26
C GLN A 380 -8.98 4.78 8.82
N HIS A 381 -9.06 5.64 7.80
CA HIS A 381 -7.90 6.45 7.37
C HIS A 381 -7.56 7.46 8.47
N PRO A 382 -6.29 7.89 8.58
CA PRO A 382 -5.93 9.00 9.46
C PRO A 382 -6.67 10.32 9.16
N TYR A 383 -6.95 10.60 7.90
CA TYR A 383 -7.79 11.74 7.50
C TYR A 383 -9.19 11.57 8.10
N ASN A 384 -9.72 10.36 8.04
CA ASN A 384 -11.05 10.05 8.61
C ASN A 384 -10.99 10.14 10.14
N MET A 385 -9.87 9.81 10.77
CA MET A 385 -9.75 9.93 12.24
C MET A 385 -9.72 11.41 12.64
N ILE A 386 -9.02 12.24 11.87
CA ILE A 386 -9.00 13.70 12.13
C ILE A 386 -10.41 14.25 11.93
N MET A 387 -11.10 13.81 10.89
CA MET A 387 -12.48 14.28 10.64
C MET A 387 -13.43 13.75 11.71
N PHE A 388 -13.17 12.56 12.26
CA PHE A 388 -13.97 12.01 13.37
C PHE A 388 -13.80 12.87 14.62
N ASN A 389 -12.57 13.27 14.91
CA ASN A 389 -12.29 14.17 16.06
C ASN A 389 -12.96 15.52 15.82
N TYR A 390 -12.92 16.03 14.59
CA TYR A 390 -13.55 17.32 14.24
C TYR A 390 -15.07 17.22 14.41
N LEU A 391 -15.66 16.11 13.98
CA LEU A 391 -17.13 15.92 14.08
C LEU A 391 -17.52 15.73 15.54
N ASP A 392 -16.66 15.09 16.34
CA ASP A 392 -16.93 14.93 17.79
C ASP A 392 -16.89 16.29 18.47
N GLN A 393 -15.91 17.13 18.13
CA GLN A 393 -15.81 18.49 18.71
C GLN A 393 -16.99 19.35 18.24
N LYS A 394 -17.48 19.11 17.03
CA LYS A 394 -18.60 19.91 16.48
C LYS A 394 -19.90 19.50 17.18
N LEU A 395 -20.22 18.21 17.19
CA LEU A 395 -21.55 17.74 17.67
C LEU A 395 -21.53 17.46 19.18
N GLY A 396 -20.41 17.68 19.87
CA GLY A 396 -20.30 17.49 21.33
C GLY A 396 -21.04 18.55 22.11
N GLY A 397 -21.35 19.70 21.48
CA GLY A 397 -22.05 20.85 22.09
C GLY A 397 -21.09 21.91 22.59
N SER A 398 -19.79 21.78 22.30
CA SER A 398 -18.75 22.78 22.66
C SER A 398 -18.04 23.23 21.38
N SER A 399 -18.78 23.43 20.31
CA SER A 399 -18.23 23.83 18.99
C SER A 399 -17.79 25.29 19.07
N GLY A 400 -16.48 25.54 19.13
CA GLY A 400 -15.91 26.89 19.14
C GLY A 400 -15.49 27.32 17.75
N PRO A 401 -14.32 27.97 17.62
CA PRO A 401 -13.82 28.40 16.31
C PRO A 401 -13.28 27.21 15.48
N LEU A 402 -14.21 26.52 14.83
CA LEU A 402 -13.88 25.34 14.00
C LEU A 402 -13.15 25.79 12.74
N PRO A 403 -12.17 25.00 12.27
CA PRO A 403 -11.46 25.33 11.03
C PRO A 403 -12.28 25.09 9.77
N GLN A 404 -11.68 25.37 8.62
CA GLN A 404 -12.36 25.27 7.30
C GLN A 404 -11.67 24.19 6.47
N VAL A 405 -12.47 23.30 5.90
CA VAL A 405 -11.94 22.14 5.13
C VAL A 405 -11.95 22.49 3.64
N ILE A 406 -10.77 22.73 3.09
CA ILE A 406 -10.63 23.06 1.64
C ILE A 406 -9.85 21.91 1.03
N GLY A 407 -10.13 20.70 1.51
CA GLY A 407 -9.51 19.46 1.02
C GLY A 407 -9.70 19.27 -0.47
N LEU A 408 -8.65 19.47 -1.26
CA LEU A 408 -8.72 19.31 -2.73
C LEU A 408 -8.64 17.83 -3.10
N THR A 409 -9.04 17.50 -4.30
CA THR A 409 -8.95 16.13 -4.85
C THR A 409 -8.88 16.22 -6.37
N ALA A 410 -8.87 15.05 -7.01
CA ALA A 410 -8.93 14.93 -8.48
C ALA A 410 -10.07 14.02 -8.94
N SER A 411 -10.60 13.17 -8.07
CA SER A 411 -11.70 12.24 -8.41
C SER A 411 -12.40 11.84 -7.12
N VAL A 412 -13.69 12.11 -7.02
CA VAL A 412 -14.48 11.77 -5.81
C VAL A 412 -14.60 10.25 -5.70
N GLY A 413 -14.85 9.57 -6.81
CA GLY A 413 -14.94 8.10 -6.85
C GLY A 413 -16.33 7.60 -6.51
N VAL A 414 -16.59 6.35 -6.84
CA VAL A 414 -17.92 5.73 -6.66
C VAL A 414 -17.78 4.62 -5.62
N GLY A 415 -16.62 3.97 -5.58
CA GLY A 415 -16.35 2.86 -4.65
C GLY A 415 -16.91 1.55 -5.18
N ASP A 416 -18.09 1.14 -4.73
CA ASP A 416 -18.71 -0.15 -5.17
C ASP A 416 -20.19 0.07 -5.47
N ALA A 417 -20.63 1.30 -5.72
CA ALA A 417 -22.06 1.58 -6.00
C ALA A 417 -22.36 1.21 -7.45
N LYS A 418 -23.53 0.64 -7.69
CA LYS A 418 -23.95 0.22 -9.06
C LYS A 418 -24.76 1.33 -9.72
N ASN A 419 -25.83 1.78 -9.08
CA ASN A 419 -26.76 2.76 -9.67
C ASN A 419 -26.41 4.18 -9.20
N THR A 420 -27.03 5.16 -9.84
CA THR A 420 -26.81 6.59 -9.54
C THR A 420 -27.36 6.92 -8.15
N ASP A 421 -28.42 6.24 -7.73
CA ASP A 421 -29.05 6.47 -6.41
C ASP A 421 -28.10 6.06 -5.29
N GLU A 422 -27.17 5.14 -5.54
CA GLU A 422 -26.15 4.74 -4.54
C GLU A 422 -24.85 5.50 -4.76
N ALA A 423 -24.53 5.89 -6.00
CA ALA A 423 -23.34 6.73 -6.28
C ALA A 423 -23.50 8.09 -5.61
N LEU A 424 -24.67 8.70 -5.71
CA LEU A 424 -24.97 9.99 -5.06
C LEU A 424 -24.93 9.79 -3.54
N ASP A 425 -25.37 8.63 -3.05
CA ASP A 425 -25.37 8.34 -1.60
C ASP A 425 -23.92 8.29 -1.12
N TYR A 426 -23.04 7.63 -1.87
CA TYR A 426 -21.62 7.52 -1.49
C TYR A 426 -20.94 8.90 -1.56
N ILE A 427 -21.28 9.71 -2.56
CA ILE A 427 -20.68 11.06 -2.71
C ILE A 427 -21.16 11.92 -1.53
N CYS A 428 -22.43 11.83 -1.16
CA CYS A 428 -22.99 12.60 -0.03
C CYS A 428 -22.36 12.11 1.28
N LYS A 429 -22.09 10.82 1.41
CA LYS A 429 -21.46 10.27 2.64
C LYS A 429 -20.02 10.79 2.73
N LEU A 430 -19.30 10.85 1.62
CA LEU A 430 -17.91 11.40 1.62
C LEU A 430 -17.95 12.88 1.95
N CYS A 431 -18.89 13.63 1.38
CA CYS A 431 -19.01 15.09 1.60
C CYS A 431 -19.42 15.37 3.05
N ALA A 432 -20.19 14.49 3.68
CA ALA A 432 -20.59 14.63 5.09
C ALA A 432 -19.42 14.23 6.01
N SER A 433 -18.67 13.20 5.65
CA SER A 433 -17.47 12.77 6.41
C SER A 433 -16.40 13.86 6.34
N LEU A 434 -16.37 14.64 5.26
CA LEU A 434 -15.41 15.78 5.15
C LEU A 434 -16.06 17.09 5.59
N ASP A 435 -17.35 17.07 5.94
CA ASP A 435 -18.08 18.22 6.54
C ASP A 435 -18.05 19.43 5.60
N ALA A 436 -18.68 19.28 4.44
CA ALA A 436 -18.80 20.36 3.44
C ALA A 436 -20.16 20.33 2.77
N SER A 437 -20.48 21.43 2.10
CA SER A 437 -21.74 21.60 1.34
C SER A 437 -21.47 22.04 -0.09
N VAL A 438 -20.22 22.29 -0.48
CA VAL A 438 -19.88 22.73 -1.85
C VAL A 438 -18.87 21.76 -2.43
N ILE A 439 -19.16 21.24 -3.61
CA ILE A 439 -18.19 20.43 -4.40
C ILE A 439 -17.85 21.24 -5.63
N ALA A 440 -16.67 21.87 -5.63
CA ALA A 440 -16.28 22.78 -6.72
C ALA A 440 -15.70 21.98 -7.89
N THR A 441 -16.22 22.23 -9.08
CA THR A 441 -15.72 21.63 -10.34
C THR A 441 -15.80 22.69 -11.42
N VAL A 442 -14.75 22.81 -12.21
CA VAL A 442 -14.65 23.83 -13.27
C VAL A 442 -15.68 23.52 -14.37
N LYS A 443 -16.57 24.47 -14.61
CA LYS A 443 -17.66 24.32 -15.60
C LYS A 443 -17.65 25.48 -16.61
N HIS A 444 -17.38 26.70 -16.18
CA HIS A 444 -17.45 27.89 -17.06
C HIS A 444 -16.26 27.90 -18.03
N ASN A 445 -15.04 27.79 -17.50
CA ASN A 445 -13.81 27.92 -18.31
C ASN A 445 -13.36 26.54 -18.78
N LEU A 446 -14.27 25.76 -19.35
CA LEU A 446 -13.94 24.40 -19.84
C LEU A 446 -13.05 24.50 -21.08
N GLU A 447 -13.27 25.50 -21.93
CA GLU A 447 -12.47 25.68 -23.18
C GLU A 447 -11.04 26.06 -22.82
N GLU A 448 -10.85 26.89 -21.80
CA GLU A 448 -9.51 27.27 -21.33
C GLU A 448 -8.93 26.18 -20.41
N LEU A 449 -9.75 25.22 -19.96
CA LEU A 449 -9.28 24.13 -19.07
C LEU A 449 -8.83 22.90 -19.87
N GLU A 450 -9.46 22.62 -21.01
CA GLU A 450 -9.17 21.37 -21.76
C GLU A 450 -7.84 21.46 -22.52
N GLN A 451 -7.16 22.60 -22.51
CA GLN A 451 -5.91 22.79 -23.30
C GLN A 451 -4.68 22.27 -22.55
N VAL A 452 -4.78 21.99 -21.25
CA VAL A 452 -3.59 21.56 -20.45
C VAL A 452 -3.82 20.16 -19.85
N VAL A 453 -5.04 19.63 -19.88
CA VAL A 453 -5.37 18.35 -19.22
C VAL A 453 -5.91 17.42 -20.30
N TYR A 454 -5.37 17.55 -21.51
CA TYR A 454 -5.75 16.74 -22.69
C TYR A 454 -5.63 15.25 -22.37
N LYS A 455 -6.78 14.57 -22.34
CA LYS A 455 -6.95 13.15 -21.90
C LYS A 455 -6.54 12.21 -23.02
N PRO A 456 -5.91 11.07 -22.70
CA PRO A 456 -5.52 10.10 -23.72
C PRO A 456 -6.70 9.24 -24.19
N GLN A 457 -6.60 8.81 -25.44
CA GLN A 457 -7.54 7.83 -26.03
C GLN A 457 -7.17 6.44 -25.51
N LYS A 458 -8.17 5.69 -25.09
CA LYS A 458 -7.98 4.33 -24.55
C LYS A 458 -8.12 3.31 -25.67
N PHE A 459 -7.37 2.22 -25.55
CA PHE A 459 -7.39 1.13 -26.54
C PHE A 459 -7.22 -0.19 -25.80
N PHE A 460 -8.22 -1.05 -25.87
CA PHE A 460 -8.15 -2.40 -25.27
C PHE A 460 -7.49 -3.34 -26.27
N ARG A 461 -6.60 -4.20 -25.77
CA ARG A 461 -5.82 -5.14 -26.60
C ARG A 461 -6.01 -6.55 -26.06
N LYS A 462 -7.28 -6.94 -25.87
CA LYS A 462 -7.62 -8.31 -25.43
C LYS A 462 -7.16 -9.30 -26.49
N VAL A 463 -6.29 -10.22 -26.10
CA VAL A 463 -5.75 -11.28 -26.99
C VAL A 463 -5.81 -12.61 -26.27
N GLU A 464 -5.65 -13.69 -27.03
CA GLU A 464 -5.67 -15.05 -26.46
C GLU A 464 -4.37 -15.30 -25.70
N SER A 465 -4.41 -16.30 -24.83
CA SER A 465 -3.23 -16.73 -24.05
C SER A 465 -2.44 -17.78 -24.83
N ARG A 466 -1.46 -18.38 -24.17
CA ARG A 466 -0.63 -19.44 -24.77
C ARG A 466 -1.42 -20.75 -24.81
N ILE A 467 -1.37 -21.44 -25.93
CA ILE A 467 -2.10 -22.73 -26.11
C ILE A 467 -1.13 -23.89 -25.87
N SER A 468 0.06 -23.84 -26.46
CA SER A 468 1.09 -24.89 -26.30
C SER A 468 1.98 -24.53 -25.12
N ASP A 469 1.72 -25.11 -23.95
CA ASP A 469 2.48 -24.81 -22.71
C ASP A 469 3.18 -26.09 -22.26
N LYS A 470 4.43 -26.25 -22.67
CA LYS A 470 5.29 -27.37 -22.24
C LYS A 470 5.99 -27.05 -20.93
N PHE A 471 5.79 -25.85 -20.37
CA PHE A 471 6.40 -25.41 -19.09
C PHE A 471 5.44 -25.67 -17.93
N LYS A 472 4.18 -25.27 -18.09
CA LYS A 472 3.16 -25.48 -17.03
C LYS A 472 2.97 -26.96 -16.75
N TYR A 473 3.11 -27.80 -17.77
CA TYR A 473 2.90 -29.27 -17.63
C TYR A 473 3.97 -29.85 -16.70
N ILE A 474 5.24 -29.54 -16.94
CA ILE A 474 6.35 -30.13 -16.16
C ILE A 474 6.38 -29.48 -14.77
N ILE A 475 6.02 -28.20 -14.66
CA ILE A 475 5.94 -27.55 -13.33
C ILE A 475 4.79 -28.18 -12.54
N ALA A 476 3.67 -28.48 -13.17
CA ALA A 476 2.53 -29.13 -12.48
C ALA A 476 2.90 -30.56 -12.11
N GLN A 477 3.73 -31.23 -12.91
CA GLN A 477 4.18 -32.60 -12.60
C GLN A 477 5.07 -32.55 -11.35
N LEU A 478 6.01 -31.62 -11.30
CA LEU A 478 6.88 -31.46 -10.11
C LEU A 478 6.03 -31.07 -8.90
N MET A 479 5.00 -30.26 -9.11
CA MET A 479 4.09 -29.85 -8.01
C MET A 479 3.31 -31.08 -7.51
N ARG A 480 2.90 -31.97 -8.41
CA ARG A 480 2.16 -33.20 -8.02
C ARG A 480 3.09 -34.13 -7.24
N ASP A 481 4.35 -34.26 -7.67
CA ASP A 481 5.35 -35.08 -6.93
C ASP A 481 5.57 -34.48 -5.54
N THR A 482 5.68 -33.17 -5.43
CA THR A 482 5.89 -32.50 -4.12
C THR A 482 4.65 -32.69 -3.24
N GLU A 483 3.46 -32.62 -3.83
CA GLU A 483 2.20 -32.78 -3.06
C GLU A 483 2.07 -34.22 -2.58
N SER A 484 2.47 -35.20 -3.39
CA SER A 484 2.43 -36.63 -2.98
C SER A 484 3.46 -36.88 -1.88
N LEU A 485 4.62 -36.23 -1.97
CA LEU A 485 5.65 -36.35 -0.90
C LEU A 485 5.14 -35.69 0.39
N ALA A 486 4.35 -34.62 0.28
CA ALA A 486 3.77 -33.97 1.46
C ALA A 486 2.67 -34.86 2.06
N LYS A 487 1.89 -35.51 1.20
CA LYS A 487 0.80 -36.41 1.66
C LYS A 487 1.37 -37.74 2.16
N ARG A 488 2.64 -38.05 1.88
CA ARG A 488 3.26 -39.31 2.39
C ARG A 488 3.40 -39.26 3.91
N ILE A 489 3.59 -38.08 4.49
CA ILE A 489 3.77 -37.93 5.96
C ILE A 489 2.48 -37.46 6.63
N CYS A 490 1.56 -36.83 5.90
CA CYS A 490 0.28 -36.35 6.47
C CYS A 490 -0.86 -37.08 5.77
N LYS A 491 -1.57 -37.93 6.51
CA LYS A 491 -2.66 -38.76 5.93
C LYS A 491 -3.85 -37.86 5.58
N ASP A 492 -4.39 -37.14 6.57
CA ASP A 492 -5.59 -36.30 6.37
C ASP A 492 -5.15 -34.91 5.90
N LEU A 493 -4.62 -34.83 4.68
CA LEU A 493 -4.16 -33.54 4.11
C LEU A 493 -5.27 -32.91 3.26
N GLU A 494 -6.08 -33.73 2.60
CA GLU A 494 -7.16 -33.22 1.71
C GLU A 494 -8.31 -32.63 2.55
N ASN A 495 -8.45 -33.06 3.80
CA ASN A 495 -9.58 -32.62 4.66
C ASN A 495 -9.16 -31.42 5.52
N LEU A 496 -8.05 -30.76 5.21
CA LEU A 496 -7.58 -29.59 6.00
C LEU A 496 -8.10 -28.28 5.40
N SER A 497 -8.84 -28.33 4.29
CA SER A 497 -9.40 -27.11 3.67
C SER A 497 -10.76 -27.41 3.04
N GLN A 498 -11.43 -26.37 2.58
CA GLN A 498 -12.78 -26.48 1.98
C GLN A 498 -12.71 -26.21 0.47
N ILE A 499 -11.54 -26.32 -0.14
CA ILE A 499 -11.39 -26.14 -1.61
C ILE A 499 -11.92 -27.39 -2.30
N GLN A 500 -12.88 -27.21 -3.20
CA GLN A 500 -13.52 -28.32 -3.95
C GLN A 500 -12.55 -28.83 -5.02
N ASN A 501 -12.21 -27.96 -5.98
CA ASN A 501 -11.33 -28.34 -7.11
C ASN A 501 -10.29 -27.22 -7.29
N ARG A 502 -9.03 -27.53 -7.09
CA ARG A 502 -7.93 -26.54 -7.18
C ARG A 502 -7.18 -26.77 -8.49
N GLU A 503 -6.74 -25.69 -9.12
CA GLU A 503 -5.92 -25.73 -10.36
C GLU A 503 -4.56 -25.13 -10.03
N PHE A 504 -3.50 -25.73 -10.57
CA PHE A 504 -2.12 -25.27 -10.30
C PHE A 504 -1.86 -23.94 -11.00
N GLY A 505 -1.22 -23.03 -10.29
CA GLY A 505 -0.85 -21.70 -10.80
C GLY A 505 -2.01 -20.72 -10.73
N THR A 506 -2.93 -20.90 -9.79
CA THR A 506 -4.09 -19.99 -9.63
C THR A 506 -4.11 -19.40 -8.22
N GLN A 507 -4.89 -18.35 -8.08
CA GLN A 507 -5.08 -17.68 -6.76
C GLN A 507 -5.86 -18.61 -5.83
N LYS A 508 -6.70 -19.49 -6.36
CA LYS A 508 -7.39 -20.51 -5.55
C LYS A 508 -6.37 -21.46 -4.92
N TYR A 509 -5.38 -21.89 -5.69
CA TYR A 509 -4.31 -22.78 -5.17
C TYR A 509 -3.43 -22.01 -4.20
N GLU A 510 -3.18 -20.72 -4.49
CA GLU A 510 -2.37 -19.87 -3.58
C GLU A 510 -3.09 -19.67 -2.25
N GLN A 511 -4.43 -19.63 -2.25
CA GLN A 511 -5.23 -19.55 -0.99
C GLN A 511 -5.18 -20.91 -0.30
N TRP A 512 -5.33 -21.99 -1.06
CA TRP A 512 -5.43 -23.35 -0.49
C TRP A 512 -4.12 -23.73 0.19
N ILE A 513 -2.99 -23.34 -0.38
CA ILE A 513 -1.67 -23.74 0.18
C ILE A 513 -1.45 -23.00 1.51
N VAL A 514 -1.88 -21.75 1.59
CA VAL A 514 -1.74 -20.97 2.86
C VAL A 514 -2.72 -21.55 3.89
N THR A 515 -3.90 -21.97 3.45
CA THR A 515 -4.91 -22.58 4.36
C THR A 515 -4.36 -23.88 4.94
N VAL A 516 -3.83 -24.76 4.10
CA VAL A 516 -3.32 -26.08 4.58
C VAL A 516 -2.04 -25.85 5.39
N GLN A 517 -1.28 -24.81 5.09
CA GLN A 517 -0.06 -24.48 5.88
C GLN A 517 -0.47 -24.05 7.30
N LYS A 518 -1.42 -23.13 7.41
CA LYS A 518 -1.93 -22.67 8.73
C LYS A 518 -2.69 -23.80 9.43
N ALA A 519 -3.18 -24.81 8.69
CA ALA A 519 -3.87 -25.97 9.29
C ALA A 519 -2.84 -26.97 9.84
N CYS A 520 -1.70 -27.16 9.19
CA CYS A 520 -0.68 -28.13 9.66
C CYS A 520 0.31 -27.46 10.62
N MET A 521 0.26 -26.14 10.77
CA MET A 521 1.14 -25.45 11.75
C MET A 521 0.69 -25.78 13.18
N VAL A 522 -0.56 -26.17 13.37
CA VAL A 522 -1.10 -26.43 14.74
C VAL A 522 -1.23 -27.94 14.96
N PHE A 523 -0.44 -28.75 14.25
CA PHE A 523 -0.46 -30.22 14.41
C PHE A 523 0.13 -30.58 15.77
N GLN A 524 -0.54 -31.48 16.48
CA GLN A 524 -0.15 -31.86 17.87
C GLN A 524 0.13 -33.36 17.93
N MET A 525 1.23 -33.72 18.57
CA MET A 525 1.59 -35.11 18.91
C MET A 525 2.15 -35.11 20.32
N PRO A 526 1.77 -36.09 21.17
CA PRO A 526 2.19 -36.12 22.57
C PRO A 526 3.57 -36.75 22.81
N ASP A 527 4.55 -36.39 21.99
CA ASP A 527 5.95 -36.87 22.12
C ASP A 527 6.90 -35.68 22.12
N LYS A 528 6.62 -34.66 21.29
CA LYS A 528 7.38 -33.37 21.22
C LYS A 528 8.82 -33.61 20.75
N ASP A 529 9.08 -34.68 20.00
CA ASP A 529 10.42 -34.96 19.46
C ASP A 529 10.39 -34.98 17.94
N GLU A 530 9.52 -35.81 17.35
CA GLU A 530 9.42 -35.91 15.87
C GLU A 530 8.34 -34.98 15.34
N GLU A 531 7.50 -34.43 16.21
CA GLU A 531 6.46 -33.44 15.82
C GLU A 531 7.15 -32.21 15.21
N SER A 532 8.27 -31.79 15.79
CA SER A 532 9.07 -30.64 15.29
C SER A 532 9.51 -30.92 13.85
N ARG A 533 10.05 -32.11 13.61
CA ARG A 533 10.54 -32.50 12.26
C ARG A 533 9.36 -32.58 11.30
N ILE A 534 8.22 -33.09 11.76
CA ILE A 534 7.02 -33.26 10.88
C ILE A 534 6.52 -31.87 10.46
N CYS A 535 6.36 -30.95 11.40
CA CYS A 535 5.85 -29.59 11.09
C CYS A 535 6.89 -28.83 10.27
N LYS A 536 8.18 -29.08 10.48
CA LYS A 536 9.24 -28.40 9.72
C LYS A 536 9.20 -28.90 8.26
N ALA A 537 9.08 -30.20 8.05
CA ALA A 537 9.01 -30.77 6.69
C ALA A 537 7.73 -30.29 6.02
N LEU A 538 6.62 -30.18 6.76
CA LEU A 538 5.34 -29.71 6.17
C LEU A 538 5.47 -28.24 5.79
N PHE A 539 6.12 -27.42 6.61
CA PHE A 539 6.35 -26.00 6.30
C PHE A 539 7.23 -25.87 5.05
N LEU A 540 8.26 -26.71 4.93
CA LEU A 540 9.15 -26.69 3.74
C LEU A 540 8.34 -27.11 2.50
N TYR A 541 7.47 -28.09 2.63
CA TYR A 541 6.66 -28.59 1.48
C TYR A 541 5.69 -27.51 1.02
N THR A 542 5.01 -26.85 1.96
CA THR A 542 4.04 -25.78 1.62
C THR A 542 4.80 -24.57 1.06
N SER A 543 6.01 -24.29 1.56
CA SER A 543 6.82 -23.16 1.04
C SER A 543 7.22 -23.46 -0.42
N HIS A 544 7.61 -24.70 -0.70
CA HIS A 544 7.99 -25.10 -2.08
C HIS A 544 6.76 -25.03 -3.00
N LEU A 545 5.60 -25.46 -2.51
CA LEU A 545 4.36 -25.44 -3.32
C LEU A 545 3.96 -23.99 -3.59
N ARG A 546 4.09 -23.11 -2.59
CA ARG A 546 3.73 -21.68 -2.75
C ARG A 546 4.70 -21.04 -3.76
N LYS A 547 5.99 -21.37 -3.68
CA LYS A 547 6.98 -20.80 -4.60
C LYS A 547 6.74 -21.31 -6.03
N TYR A 548 6.35 -22.57 -6.17
CA TYR A 548 6.00 -23.13 -7.50
C TYR A 548 4.76 -22.44 -8.06
N ASN A 549 3.78 -22.18 -7.22
CA ASN A 549 2.55 -21.47 -7.64
C ASN A 549 2.90 -20.04 -8.06
N ASP A 550 3.77 -19.37 -7.31
CA ASP A 550 4.20 -17.99 -7.67
C ASP A 550 4.98 -18.01 -8.97
N ALA A 551 5.82 -19.02 -9.18
CA ALA A 551 6.60 -19.14 -10.43
C ALA A 551 5.66 -19.39 -11.62
N LEU A 552 4.60 -20.17 -11.41
CA LEU A 552 3.62 -20.42 -12.49
C LEU A 552 2.83 -19.14 -12.77
N ILE A 553 2.51 -18.37 -11.74
CA ILE A 553 1.79 -17.08 -11.92
C ILE A 553 2.70 -16.12 -12.70
N ILE A 554 3.99 -16.12 -12.40
CA ILE A 554 4.96 -15.24 -13.14
C ILE A 554 5.07 -15.72 -14.58
N SER A 555 5.13 -17.03 -14.81
CA SER A 555 5.32 -17.58 -16.17
C SER A 555 4.03 -17.42 -16.99
N GLU A 556 2.88 -17.31 -16.35
CA GLU A 556 1.60 -17.12 -17.07
C GLU A 556 1.52 -15.70 -17.64
N HIS A 557 2.28 -14.75 -17.11
CA HIS A 557 2.24 -13.34 -17.57
C HIS A 557 3.57 -12.90 -18.18
N ALA A 558 4.62 -13.70 -18.08
CA ALA A 558 5.96 -13.34 -18.60
C ALA A 558 6.59 -14.58 -19.25
N ARG A 559 7.89 -14.54 -19.48
CA ARG A 559 8.61 -15.62 -20.19
C ARG A 559 8.81 -16.83 -19.26
N MET A 560 9.50 -17.83 -19.75
CA MET A 560 9.86 -19.00 -18.93
C MET A 560 11.26 -18.79 -18.34
N LYS A 561 12.13 -18.05 -19.00
CA LYS A 561 13.54 -17.88 -18.56
C LYS A 561 13.60 -17.09 -17.26
N ASP A 562 12.81 -16.02 -17.16
CA ASP A 562 12.80 -15.18 -15.93
C ASP A 562 12.13 -15.95 -14.78
N ALA A 563 11.15 -16.80 -15.07
CA ALA A 563 10.52 -17.65 -14.04
C ALA A 563 11.54 -18.68 -13.54
N LEU A 564 12.33 -19.25 -14.45
CA LEU A 564 13.41 -20.18 -14.07
C LEU A 564 14.46 -19.43 -13.25
N ASP A 565 14.73 -18.18 -13.59
CA ASP A 565 15.71 -17.36 -12.83
C ASP A 565 15.16 -17.08 -11.43
N TYR A 566 13.87 -16.84 -11.30
CA TYR A 566 13.22 -16.61 -9.98
C TYR A 566 13.31 -17.89 -9.14
N LEU A 567 13.06 -19.04 -9.76
CA LEU A 567 13.14 -20.35 -9.04
C LEU A 567 14.59 -20.60 -8.63
N LYS A 568 15.55 -20.32 -9.49
CA LYS A 568 16.98 -20.52 -9.18
C LYS A 568 17.41 -19.55 -8.08
N ASP A 569 16.88 -18.34 -8.06
CA ASP A 569 17.21 -17.35 -7.02
C ASP A 569 16.65 -17.83 -5.68
N PHE A 570 15.43 -18.37 -5.67
CA PHE A 570 14.82 -18.93 -4.44
C PHE A 570 15.65 -20.12 -3.95
N PHE A 571 16.06 -20.99 -4.85
CA PHE A 571 16.86 -22.19 -4.48
C PHE A 571 18.25 -21.78 -3.98
N SER A 572 18.82 -20.72 -4.54
CA SER A 572 20.15 -20.21 -4.09
C SER A 572 20.00 -19.52 -2.73
N ASN A 573 18.89 -18.84 -2.49
CA ASN A 573 18.66 -18.15 -1.20
C ASN A 573 18.39 -19.18 -0.10
N VAL A 574 17.73 -20.30 -0.41
CA VAL A 574 17.48 -21.35 0.61
C VAL A 574 18.71 -22.25 0.71
N ARG A 575 19.57 -22.27 -0.31
CA ARG A 575 20.81 -23.08 -0.32
C ARG A 575 21.85 -22.48 0.63
N ALA A 576 21.86 -21.16 0.83
CA ALA A 576 22.86 -20.49 1.70
C ALA A 576 22.54 -20.79 3.17
N ALA A 577 21.32 -21.22 3.48
CA ALA A 577 20.92 -21.60 4.86
C ALA A 577 21.33 -23.06 5.12
N GLY A 578 20.83 -23.65 6.20
CA GLY A 578 21.12 -25.05 6.55
C GLY A 578 20.56 -26.03 5.54
N PHE A 579 21.05 -27.26 5.59
CA PHE A 579 20.66 -28.31 4.61
C PHE A 579 20.40 -29.62 5.33
N ASP A 580 19.13 -29.95 5.52
CA ASP A 580 18.71 -31.22 6.17
C ASP A 580 18.40 -32.25 5.09
N GLU A 581 17.87 -33.39 5.51
CA GLU A 581 17.50 -34.49 4.57
C GLU A 581 16.23 -34.13 3.79
N ILE A 582 15.40 -33.23 4.32
CA ILE A 582 14.09 -32.91 3.68
C ILE A 582 14.33 -31.95 2.51
N GLU A 583 15.17 -30.93 2.69
CA GLU A 583 15.44 -29.91 1.64
C GLU A 583 16.26 -30.52 0.51
N GLN A 584 17.15 -31.47 0.82
CA GLN A 584 18.09 -32.06 -0.18
C GLN A 584 17.30 -32.86 -1.22
N ASP A 585 16.26 -33.58 -0.81
CA ASP A 585 15.45 -34.38 -1.75
C ASP A 585 14.72 -33.46 -2.74
N LEU A 586 14.14 -32.37 -2.24
CA LEU A 586 13.45 -31.38 -3.11
C LEU A 586 14.47 -30.70 -4.03
N THR A 587 15.66 -30.41 -3.52
CA THR A 587 16.71 -29.74 -4.32
C THR A 587 17.18 -30.66 -5.44
N GLN A 588 17.42 -31.94 -5.15
CA GLN A 588 17.88 -32.89 -6.19
C GLN A 588 16.74 -33.20 -7.16
N ARG A 589 15.49 -33.19 -6.69
CA ARG A 589 14.33 -33.40 -7.59
C ARG A 589 14.18 -32.21 -8.53
N PHE A 590 14.48 -31.00 -8.07
CA PHE A 590 14.45 -29.81 -8.95
C PHE A 590 15.63 -29.83 -9.91
N GLU A 591 16.80 -30.27 -9.45
CA GLU A 591 18.03 -30.29 -10.29
C GLU A 591 17.93 -31.41 -11.34
N GLU A 592 17.15 -32.47 -11.08
CA GLU A 592 16.99 -33.56 -12.07
C GLU A 592 16.18 -33.08 -13.27
N LYS A 593 15.37 -32.03 -13.12
CA LYS A 593 14.51 -31.52 -14.22
C LYS A 593 14.87 -30.08 -14.60
N LEU A 594 15.86 -29.46 -13.96
CA LEU A 594 16.30 -28.09 -14.31
C LEU A 594 16.81 -28.06 -15.75
N GLN A 595 17.50 -29.11 -16.21
CA GLN A 595 18.01 -29.17 -17.60
C GLN A 595 16.85 -29.22 -18.58
N GLU A 596 15.81 -30.01 -18.27
CA GLU A 596 14.60 -30.09 -19.13
C GLU A 596 13.91 -28.73 -19.14
N LEU A 597 13.79 -28.08 -17.98
CA LEU A 597 13.15 -26.75 -17.87
C LEU A 597 13.94 -25.74 -18.73
N GLU A 598 15.27 -25.79 -18.69
CA GLU A 598 16.12 -24.86 -19.46
C GLU A 598 15.97 -25.13 -20.96
N SER A 599 15.88 -26.40 -21.35
CA SER A 599 15.78 -26.77 -22.80
C SER A 599 14.40 -26.35 -23.33
N VAL A 600 13.37 -26.40 -22.50
CA VAL A 600 12.03 -25.91 -22.93
C VAL A 600 12.05 -24.39 -22.96
N SER A 601 12.70 -23.74 -21.98
CA SER A 601 12.67 -22.26 -21.86
C SER A 601 13.51 -21.61 -22.97
N ARG A 602 14.55 -22.27 -23.45
CA ARG A 602 15.46 -21.68 -24.47
C ARG A 602 14.78 -21.63 -25.85
N ASP A 603 13.75 -22.45 -26.07
CA ASP A 603 13.04 -22.48 -27.36
C ASP A 603 12.22 -21.20 -27.51
N PRO A 604 12.49 -20.36 -28.53
CA PRO A 604 11.72 -19.12 -28.71
C PRO A 604 10.41 -19.28 -29.49
N SER A 605 9.92 -20.50 -29.67
CA SER A 605 8.68 -20.78 -30.44
C SER A 605 7.44 -20.76 -29.56
N ASN A 606 7.59 -20.66 -28.24
CA ASN A 606 6.44 -20.69 -27.29
C ASN A 606 6.50 -19.45 -26.40
N GLU A 607 6.78 -18.30 -27.00
CA GLU A 607 6.84 -17.03 -26.24
C GLU A 607 5.41 -16.54 -25.97
N ASN A 608 5.28 -15.60 -25.05
CA ASN A 608 3.96 -15.08 -24.64
C ASN A 608 3.41 -14.17 -25.72
N PRO A 609 2.19 -14.43 -26.23
CA PRO A 609 1.57 -13.52 -27.19
C PRO A 609 1.24 -12.14 -26.60
N LYS A 610 1.05 -12.06 -25.28
CA LYS A 610 0.92 -10.75 -24.60
C LYS A 610 2.20 -9.94 -24.79
N LEU A 611 3.36 -10.56 -24.57
CA LEU A 611 4.66 -9.87 -24.75
C LEU A 611 4.89 -9.58 -26.23
N GLU A 612 4.45 -10.45 -27.13
CA GLU A 612 4.58 -10.21 -28.59
C GLU A 612 3.77 -8.99 -28.98
N ASP A 613 2.53 -8.90 -28.52
CA ASP A 613 1.63 -7.75 -28.84
C ASP A 613 2.19 -6.49 -28.20
N LEU A 614 2.76 -6.60 -27.00
CA LEU A 614 3.33 -5.43 -26.30
C LEU A 614 4.55 -4.91 -27.07
N CYS A 615 5.44 -5.80 -27.51
CA CYS A 615 6.64 -5.40 -28.29
C CYS A 615 6.20 -4.83 -29.64
N PHE A 616 5.16 -5.39 -30.23
CA PHE A 616 4.65 -4.91 -31.54
C PHE A 616 4.11 -3.49 -31.39
N ILE A 617 3.28 -3.24 -30.38
CA ILE A 617 2.67 -1.90 -30.21
C ILE A 617 3.75 -0.91 -29.75
N LEU A 618 4.76 -1.38 -29.02
CA LEU A 618 5.86 -0.49 -28.58
C LEU A 618 6.69 -0.06 -29.78
N GLN A 619 7.07 -1.00 -30.64
CA GLN A 619 7.90 -0.66 -31.83
C GLN A 619 7.05 0.15 -32.81
N GLU A 620 5.73 -0.08 -32.86
CA GLU A 620 4.83 0.71 -33.74
C GLU A 620 4.78 2.16 -33.26
N GLU A 621 4.59 2.36 -31.96
CA GLU A 621 4.52 3.73 -31.39
C GLU A 621 5.87 4.43 -31.48
N TYR A 622 6.97 3.68 -31.37
CA TYR A 622 8.31 4.30 -31.46
C TYR A 622 8.68 4.59 -32.91
N HIS A 623 8.15 3.82 -33.86
CA HIS A 623 8.33 4.12 -35.30
C HIS A 623 7.48 5.34 -35.67
N LEU A 624 6.30 5.47 -35.08
CA LEU A 624 5.42 6.65 -35.34
C LEU A 624 6.08 7.88 -34.72
N ASN A 625 6.63 7.76 -33.52
CA ASN A 625 7.29 8.89 -32.82
C ASN A 625 8.33 8.35 -31.87
N PRO A 626 9.63 8.65 -32.07
CA PRO A 626 10.68 8.16 -31.17
C PRO A 626 10.74 8.88 -29.81
N GLU A 627 10.19 10.09 -29.72
CA GLU A 627 10.27 10.91 -28.49
C GLU A 627 9.00 10.69 -27.66
N THR A 628 8.75 9.43 -27.31
CA THR A 628 7.60 9.04 -26.45
C THR A 628 8.13 8.38 -25.19
N ILE A 629 7.54 8.72 -24.05
CA ILE A 629 7.92 8.15 -22.74
C ILE A 629 6.75 7.35 -22.21
N THR A 630 7.02 6.15 -21.71
CA THR A 630 5.96 5.24 -21.20
C THR A 630 6.13 5.03 -19.70
N ILE A 631 5.01 4.96 -18.99
CA ILE A 631 4.95 4.68 -17.54
C ILE A 631 4.17 3.37 -17.40
N LEU A 632 4.56 2.39 -18.21
CA LEU A 632 3.91 1.05 -18.31
C LEU A 632 3.70 0.46 -16.91
N PHE A 633 2.46 0.07 -16.62
CA PHE A 633 2.03 -0.37 -15.27
C PHE A 633 1.88 -1.88 -15.23
N VAL A 634 2.65 -2.50 -14.32
CA VAL A 634 2.47 -3.93 -13.94
C VAL A 634 2.22 -3.97 -12.44
N LYS A 635 1.40 -4.93 -12.01
CA LYS A 635 0.86 -4.98 -10.64
C LYS A 635 1.88 -5.60 -9.67
N THR A 636 2.65 -6.59 -10.10
CA THR A 636 3.53 -7.35 -9.19
C THR A 636 4.94 -6.75 -9.18
N ARG A 637 5.53 -6.67 -8.00
CA ARG A 637 6.95 -6.24 -7.85
C ARG A 637 7.86 -7.29 -8.50
N ALA A 638 7.54 -8.57 -8.37
CA ALA A 638 8.33 -9.66 -8.98
C ALA A 638 8.12 -9.70 -10.50
N LEU A 639 7.22 -8.89 -11.05
CA LEU A 639 6.97 -8.88 -12.52
C LEU A 639 7.53 -7.62 -13.18
N VAL A 640 7.75 -6.54 -12.45
CA VAL A 640 8.37 -5.33 -13.05
C VAL A 640 9.85 -5.60 -13.32
N ASP A 641 10.51 -6.38 -12.47
CA ASP A 641 11.89 -6.85 -12.76
C ASP A 641 11.88 -7.77 -13.97
N ALA A 642 10.83 -8.57 -14.12
CA ALA A 642 10.66 -9.47 -15.28
C ALA A 642 10.52 -8.64 -16.55
N LEU A 643 9.72 -7.58 -16.50
CA LEU A 643 9.53 -6.68 -17.67
C LEU A 643 10.84 -5.97 -17.99
N LYS A 644 11.60 -5.56 -16.97
CA LYS A 644 12.91 -4.90 -17.18
C LYS A 644 13.86 -5.88 -17.87
N ASN A 645 13.89 -7.12 -17.42
CA ASN A 645 14.79 -8.15 -18.00
C ASN A 645 14.35 -8.47 -19.43
N TRP A 646 13.04 -8.47 -19.69
CA TRP A 646 12.51 -8.76 -21.05
C TRP A 646 12.87 -7.60 -21.99
N ILE A 647 12.83 -6.37 -21.48
CA ILE A 647 13.18 -5.17 -22.29
C ILE A 647 14.69 -5.21 -22.57
N GLU A 648 15.50 -5.55 -21.58
CA GLU A 648 16.98 -5.57 -21.76
C GLU A 648 17.36 -6.68 -22.75
N GLY A 649 16.90 -7.91 -22.51
CA GLY A 649 17.24 -9.08 -23.33
C GLY A 649 16.29 -9.25 -24.49
N ASN A 650 16.32 -8.35 -25.48
CA ASN A 650 15.41 -8.43 -26.65
C ASN A 650 16.05 -7.77 -27.84
N PRO A 651 16.36 -8.52 -28.93
CA PRO A 651 16.96 -7.90 -30.11
C PRO A 651 16.00 -7.07 -30.96
N LYS A 652 14.69 -7.21 -30.75
CA LYS A 652 13.70 -6.52 -31.61
C LYS A 652 13.67 -5.02 -31.25
N LEU A 653 13.67 -4.70 -29.97
CA LEU A 653 13.66 -3.28 -29.51
C LEU A 653 14.98 -3.00 -28.80
N SER A 654 15.68 -1.97 -29.23
CA SER A 654 16.98 -1.56 -28.64
C SER A 654 16.94 -0.10 -28.19
N PHE A 655 15.86 0.63 -28.45
CA PHE A 655 15.75 2.07 -28.12
C PHE A 655 15.13 2.25 -26.73
N LEU A 656 14.84 1.17 -26.02
CA LEU A 656 14.19 1.24 -24.69
C LEU A 656 15.27 1.17 -23.61
N LYS A 657 15.24 2.11 -22.69
CA LYS A 657 16.15 2.14 -21.52
C LYS A 657 15.33 1.97 -20.26
N PRO A 658 15.55 0.90 -19.47
CA PRO A 658 14.78 0.70 -18.24
C PRO A 658 15.10 1.73 -17.16
N GLY A 659 14.06 2.32 -16.61
CA GLY A 659 14.14 3.29 -15.50
C GLY A 659 13.28 2.84 -14.35
N ILE A 660 13.28 1.53 -14.07
CA ILE A 660 12.24 0.89 -13.23
C ILE A 660 12.29 1.43 -11.80
N LEU A 661 11.14 1.84 -11.28
CA LEU A 661 10.99 2.24 -9.85
C LEU A 661 9.92 1.35 -9.22
N THR A 662 10.11 1.01 -7.96
CA THR A 662 9.21 0.06 -7.24
C THR A 662 8.50 0.76 -6.08
N GLY A 663 9.26 1.33 -5.15
CA GLY A 663 8.71 1.97 -3.93
C GLY A 663 9.24 1.29 -2.69
N ARG A 664 8.79 1.72 -1.52
CA ARG A 664 9.29 1.19 -0.24
C ARG A 664 8.73 -0.21 -0.03
N GLY A 665 7.41 -0.33 0.09
CA GLY A 665 6.72 -1.60 0.38
C GLY A 665 6.98 -2.06 1.80
N LYS A 666 7.55 -3.25 1.97
CA LYS A 666 7.79 -3.83 3.31
C LYS A 666 8.95 -3.08 3.97
N THR A 667 8.82 -2.84 5.27
CA THR A 667 9.84 -2.11 6.06
C THR A 667 10.75 -3.07 6.83
N ASN A 668 10.49 -4.37 6.77
CA ASN A 668 11.29 -5.37 7.52
C ASN A 668 11.85 -6.41 6.55
N GLN A 669 12.06 -6.05 5.28
CA GLN A 669 12.63 -7.00 4.29
C GLN A 669 13.60 -6.25 3.39
N ASN A 670 14.44 -7.00 2.70
CA ASN A 670 15.45 -6.45 1.76
C ASN A 670 14.84 -6.40 0.36
N THR A 671 13.70 -5.73 0.23
CA THR A 671 12.97 -5.59 -1.05
C THR A 671 12.66 -4.13 -1.29
N GLY A 672 12.18 -3.82 -2.49
CA GLY A 672 11.71 -2.47 -2.85
C GLY A 672 12.85 -1.49 -3.04
N MET A 673 12.49 -0.23 -3.23
CA MET A 673 13.46 0.86 -3.47
C MET A 673 13.32 1.92 -2.39
N THR A 674 14.39 2.69 -2.20
CA THR A 674 14.43 3.75 -1.17
C THR A 674 13.96 5.09 -1.76
N LEU A 675 13.77 6.07 -0.89
CA LEU A 675 13.39 7.44 -1.29
C LEU A 675 14.43 8.11 -2.19
N PRO A 676 15.75 8.16 -1.89
CA PRO A 676 16.68 8.77 -2.84
C PRO A 676 16.85 7.93 -4.12
N ALA A 677 16.72 6.60 -4.01
CA ALA A 677 16.80 5.69 -5.17
C ALA A 677 15.61 5.93 -6.10
N GLN A 678 14.46 6.36 -5.57
CA GLN A 678 13.28 6.70 -6.39
C GLN A 678 13.41 8.13 -6.92
N LYS A 679 13.94 9.04 -6.11
CA LYS A 679 14.03 10.47 -6.50
C LYS A 679 15.05 10.64 -7.63
N CYS A 680 16.16 9.90 -7.58
CA CYS A 680 17.19 9.97 -8.64
C CYS A 680 16.62 9.39 -9.93
N ILE A 681 15.81 8.34 -9.83
CA ILE A 681 15.15 7.72 -11.02
C ILE A 681 14.15 8.72 -11.62
N LEU A 682 13.37 9.39 -10.77
CA LEU A 682 12.37 10.37 -11.27
C LEU A 682 13.08 11.59 -11.87
N ASP A 683 14.23 11.97 -11.33
CA ASP A 683 14.99 13.13 -11.86
C ASP A 683 15.71 12.74 -13.15
N ALA A 684 16.07 11.46 -13.30
CA ALA A 684 16.79 10.97 -14.50
C ALA A 684 15.80 10.45 -15.55
N PHE A 685 14.56 10.93 -15.55
CA PHE A 685 13.52 10.53 -16.52
C PHE A 685 12.97 11.78 -17.18
N LYS A 686 13.64 12.24 -18.23
CA LYS A 686 13.22 13.45 -18.99
C LYS A 686 13.06 13.08 -20.46
N ALA A 687 12.87 14.08 -21.32
CA ALA A 687 12.79 13.91 -22.78
C ALA A 687 14.20 13.70 -23.37
N SER A 688 15.26 13.98 -22.61
CA SER A 688 16.66 13.90 -23.11
C SER A 688 17.56 13.05 -22.19
N GLY A 689 17.03 12.52 -21.10
CA GLY A 689 17.81 11.76 -20.11
C GLY A 689 18.16 10.36 -20.59
N ASP A 690 18.68 9.54 -19.69
CA ASP A 690 19.08 8.14 -19.98
C ASP A 690 17.92 7.18 -19.67
N HIS A 691 16.68 7.66 -19.68
CA HIS A 691 15.50 6.80 -19.41
C HIS A 691 14.35 7.24 -20.31
N ASN A 692 13.68 6.28 -20.95
CA ASN A 692 12.52 6.56 -21.82
C ASN A 692 11.33 5.66 -21.48
N ILE A 693 11.52 4.62 -20.67
CA ILE A 693 10.41 3.72 -20.26
C ILE A 693 10.72 3.19 -18.86
N LEU A 694 9.77 3.32 -17.95
CA LEU A 694 9.91 2.79 -16.58
C LEU A 694 8.74 1.86 -16.28
N ILE A 695 9.02 0.79 -15.56
CA ILE A 695 7.98 -0.19 -15.19
C ILE A 695 7.50 0.18 -13.79
N ALA A 696 6.44 0.97 -13.72
CA ALA A 696 5.92 1.50 -12.45
C ALA A 696 4.97 0.50 -11.79
N THR A 697 4.99 0.45 -10.47
CA THR A 697 3.98 -0.25 -9.65
C THR A 697 2.91 0.79 -9.30
N SER A 698 2.03 0.49 -8.35
CA SER A 698 0.91 1.40 -7.97
C SER A 698 1.40 2.68 -7.30
N VAL A 699 2.67 2.82 -6.97
CA VAL A 699 3.21 4.03 -6.31
C VAL A 699 3.04 5.24 -7.24
N ALA A 700 3.08 5.02 -8.56
CA ALA A 700 2.90 6.09 -9.55
C ALA A 700 1.41 6.41 -9.72
N ASP A 701 0.50 5.73 -9.03
CA ASP A 701 -0.95 6.01 -9.18
C ASP A 701 -1.35 7.21 -8.33
N GLU A 702 -0.80 7.33 -7.12
CA GLU A 702 -1.17 8.42 -6.18
C GLU A 702 -0.49 9.72 -6.61
N GLY A 703 -0.64 10.77 -5.80
CA GLY A 703 -0.05 12.10 -6.03
C GLY A 703 1.47 12.07 -6.00
N ILE A 704 2.11 12.21 -7.15
CA ILE A 704 3.59 12.21 -7.25
C ILE A 704 3.99 12.95 -8.53
N ASP A 705 5.01 13.80 -8.44
CA ASP A 705 5.44 14.64 -9.59
C ASP A 705 6.19 13.77 -10.61
N ILE A 706 5.49 13.32 -11.65
CA ILE A 706 6.11 12.56 -12.76
C ILE A 706 6.04 13.43 -14.01
N ALA A 707 6.91 13.14 -14.96
CA ALA A 707 6.99 13.86 -16.26
C ALA A 707 5.71 13.62 -17.07
N GLN A 708 5.50 14.50 -18.05
CA GLN A 708 4.31 14.47 -18.93
C GLN A 708 4.48 13.32 -19.92
N CYS A 709 3.85 12.18 -19.64
CA CYS A 709 3.94 10.98 -20.50
C CYS A 709 2.92 11.07 -21.64
N ASN A 710 3.08 10.20 -22.63
CA ASN A 710 2.11 10.10 -23.75
C ASN A 710 1.88 8.65 -24.17
N LEU A 711 2.40 7.68 -23.43
CA LEU A 711 2.36 6.26 -23.87
C LEU A 711 2.02 5.36 -22.69
N VAL A 712 0.92 5.64 -22.03
CA VAL A 712 0.49 4.82 -20.86
C VAL A 712 0.03 3.45 -21.37
N ILE A 713 0.64 2.38 -20.87
CA ILE A 713 0.26 0.99 -21.23
C ILE A 713 0.11 0.20 -19.94
N LEU A 714 -1.06 -0.39 -19.73
CA LEU A 714 -1.34 -1.17 -18.50
C LEU A 714 -1.27 -2.65 -18.86
N TYR A 715 -0.24 -3.34 -18.41
CA TYR A 715 -0.04 -4.77 -18.69
C TYR A 715 -0.65 -5.57 -17.54
N GLU A 716 -1.86 -6.08 -17.75
CA GLU A 716 -2.64 -6.89 -16.77
C GLU A 716 -2.84 -6.07 -15.49
N TYR A 717 -3.43 -4.89 -15.64
CA TYR A 717 -3.68 -3.96 -14.53
C TYR A 717 -5.19 -3.77 -14.39
N VAL A 718 -5.67 -3.87 -13.16
CA VAL A 718 -7.12 -3.76 -12.86
C VAL A 718 -7.26 -2.89 -11.61
N GLY A 719 -8.13 -1.89 -11.69
CA GLY A 719 -8.37 -0.97 -10.57
C GLY A 719 -9.78 -0.46 -10.52
N ASN A 720 -10.05 0.43 -9.59
CA ASN A 720 -11.39 1.05 -9.42
C ASN A 720 -11.46 2.32 -10.27
N VAL A 721 -12.52 3.10 -10.09
CA VAL A 721 -12.73 4.35 -10.86
C VAL A 721 -11.67 5.38 -10.46
N ILE A 722 -11.29 5.40 -9.19
CA ILE A 722 -10.28 6.37 -8.68
C ILE A 722 -8.92 6.02 -9.31
N LYS A 723 -8.58 4.74 -9.34
CA LYS A 723 -7.29 4.29 -9.93
C LYS A 723 -7.33 4.55 -11.44
N MET A 724 -8.46 4.32 -12.10
CA MET A 724 -8.59 4.53 -13.55
C MET A 724 -8.41 6.02 -13.88
N ILE A 725 -8.99 6.91 -13.08
CA ILE A 725 -8.86 8.38 -13.32
C ILE A 725 -7.42 8.80 -13.02
N GLN A 726 -6.83 8.29 -11.95
CA GLN A 726 -5.45 8.68 -11.56
C GLN A 726 -4.44 8.14 -12.58
N THR A 727 -4.76 7.04 -13.27
CA THR A 727 -3.85 6.46 -14.27
C THR A 727 -4.06 7.14 -15.62
N ARG A 728 -5.29 7.42 -16.00
CA ARG A 728 -5.58 8.08 -17.30
C ARG A 728 -5.12 9.53 -17.24
N GLY A 729 -5.29 10.18 -16.09
CA GLY A 729 -4.90 11.59 -15.89
C GLY A 729 -3.40 11.82 -15.92
N ARG A 730 -2.59 10.76 -15.85
CA ARG A 730 -1.11 10.90 -15.87
C ARG A 730 -0.66 11.33 -17.26
N GLY A 731 -1.31 10.80 -18.31
CA GLY A 731 -0.98 11.12 -19.71
C GLY A 731 -1.69 12.38 -20.16
N ARG A 732 -1.30 13.54 -19.63
CA ARG A 732 -1.97 14.83 -19.95
C ARG A 732 -1.22 15.56 -21.07
N ALA A 733 -0.47 14.84 -21.91
CA ALA A 733 0.26 15.47 -23.03
C ALA A 733 -0.70 15.81 -24.17
N ARG A 734 -0.22 16.62 -25.10
CA ARG A 734 -0.98 17.01 -26.32
C ARG A 734 -1.00 15.80 -27.26
N GLY A 735 -1.94 14.88 -27.00
CA GLY A 735 -2.07 13.64 -27.78
C GLY A 735 -1.32 12.50 -27.13
N SER A 736 -2.05 11.55 -26.57
CA SER A 736 -1.46 10.44 -25.79
C SER A 736 -2.23 9.15 -26.07
N LYS A 737 -1.77 8.06 -25.48
CA LYS A 737 -2.44 6.75 -25.62
C LYS A 737 -2.50 6.07 -24.26
N CYS A 738 -3.59 5.34 -24.04
CA CYS A 738 -3.92 4.70 -22.74
C CYS A 738 -4.19 3.22 -23.00
N PHE A 739 -3.25 2.54 -23.63
CA PHE A 739 -3.38 1.10 -24.00
C PHE A 739 -3.57 0.25 -22.76
N LEU A 740 -4.45 -0.74 -22.86
CA LEU A 740 -4.72 -1.72 -21.78
C LEU A 740 -4.63 -3.12 -22.39
N LEU A 741 -3.59 -3.85 -22.04
CA LEU A 741 -3.31 -5.18 -22.63
C LEU A 741 -3.58 -6.25 -21.57
N THR A 742 -4.71 -6.93 -21.68
CA THR A 742 -5.09 -8.03 -20.76
C THR A 742 -5.40 -9.27 -21.57
N SER A 743 -5.21 -10.43 -20.97
CA SER A 743 -5.57 -11.74 -21.55
C SER A 743 -6.85 -12.25 -20.91
N ASN A 744 -7.75 -11.34 -20.52
CA ASN A 744 -9.02 -11.74 -19.85
C ASN A 744 -10.09 -10.72 -20.22
N ALA A 745 -11.29 -11.21 -20.55
CA ALA A 745 -12.45 -10.37 -20.86
C ALA A 745 -12.99 -9.73 -19.57
N GLY A 746 -12.69 -10.32 -18.41
CA GLY A 746 -13.13 -9.81 -17.10
C GLY A 746 -12.56 -8.43 -16.82
N VAL A 747 -11.29 -8.23 -17.14
CA VAL A 747 -10.61 -6.94 -16.89
C VAL A 747 -11.16 -5.90 -17.88
N ILE A 748 -11.52 -6.34 -19.09
CA ILE A 748 -12.10 -5.40 -20.09
C ILE A 748 -13.49 -4.98 -19.62
N GLU A 749 -14.28 -5.91 -19.09
CA GLU A 749 -15.62 -5.58 -18.55
C GLU A 749 -15.47 -4.69 -17.31
N LYS A 750 -14.44 -4.92 -16.50
CA LYS A 750 -14.18 -4.07 -15.30
C LYS A 750 -13.82 -2.65 -15.75
N GLU A 751 -13.03 -2.52 -16.80
CA GLU A 751 -12.67 -1.18 -17.32
C GLU A 751 -13.90 -0.50 -17.93
N GLN A 752 -14.78 -1.27 -18.59
CA GLN A 752 -16.02 -0.72 -19.18
C GLN A 752 -16.94 -0.20 -18.07
N ILE A 753 -17.14 -0.98 -17.03
CA ILE A 753 -18.02 -0.55 -15.90
C ILE A 753 -17.30 0.55 -15.10
N ASN A 754 -15.98 0.61 -15.14
CA ASN A 754 -15.24 1.73 -14.49
C ASN A 754 -15.49 3.03 -15.26
N MET A 755 -15.49 2.98 -16.58
CA MET A 755 -15.79 4.17 -17.41
C MET A 755 -17.26 4.56 -17.21
N TYR A 756 -18.15 3.57 -17.10
CA TYR A 756 -19.58 3.83 -16.82
C TYR A 756 -19.73 4.50 -15.45
N LYS A 757 -18.96 4.04 -14.46
CA LYS A 757 -19.00 4.63 -13.10
C LYS A 757 -18.41 6.04 -13.12
N GLU A 758 -17.43 6.29 -13.98
CA GLU A 758 -16.85 7.65 -14.11
C GLU A 758 -17.91 8.60 -14.69
N LYS A 759 -18.61 8.16 -15.73
CA LYS A 759 -19.69 8.98 -16.33
C LYS A 759 -20.81 9.19 -15.31
N MET A 760 -21.13 8.16 -14.54
CA MET A 760 -22.20 8.24 -13.52
C MET A 760 -21.78 9.20 -12.40
N MET A 761 -20.50 9.20 -12.03
CA MET A 761 -20.01 10.10 -10.96
C MET A 761 -20.02 11.54 -11.48
N ASN A 762 -19.70 11.74 -12.76
CA ASN A 762 -19.75 13.09 -13.36
C ASN A 762 -21.21 13.60 -13.37
N ASP A 763 -22.15 12.73 -13.75
CA ASP A 763 -23.59 13.09 -13.77
C ASP A 763 -24.06 13.35 -12.35
N SER A 764 -23.57 12.59 -11.37
CA SER A 764 -23.97 12.74 -9.95
C SER A 764 -23.43 14.07 -9.41
N ILE A 765 -22.21 14.45 -9.80
CA ILE A 765 -21.64 15.75 -9.37
C ILE A 765 -22.44 16.88 -10.02
N LEU A 766 -22.80 16.75 -11.29
CA LEU A 766 -23.58 17.78 -12.01
C LEU A 766 -24.96 17.91 -11.37
N ARG A 767 -25.54 16.81 -10.91
CA ARG A 767 -26.87 16.84 -10.25
C ARG A 767 -26.71 17.46 -8.84
N LEU A 768 -25.66 17.12 -8.12
CA LEU A 768 -25.50 17.56 -6.71
C LEU A 768 -25.12 19.04 -6.66
N GLN A 769 -24.47 19.58 -7.69
CA GLN A 769 -24.06 21.00 -7.70
C GLN A 769 -25.27 21.91 -7.92
N THR A 770 -26.44 21.37 -8.26
CA THR A 770 -27.66 22.18 -8.52
C THR A 770 -28.52 22.31 -7.27
N TRP A 771 -28.23 21.55 -6.22
CA TRP A 771 -29.02 21.62 -4.96
C TRP A 771 -28.71 22.90 -4.21
N ASP A 772 -29.59 23.27 -3.29
CA ASP A 772 -29.42 24.46 -2.43
C ASP A 772 -28.46 24.14 -1.28
N GLU A 773 -27.93 25.20 -0.67
CA GLU A 773 -26.98 25.07 0.46
C GLU A 773 -27.73 24.71 1.76
N ALA A 774 -29.01 25.06 1.87
CA ALA A 774 -29.76 24.85 3.13
C ALA A 774 -30.14 23.36 3.27
N VAL A 775 -30.65 22.76 2.20
CA VAL A 775 -31.11 21.34 2.23
C VAL A 775 -29.88 20.43 2.32
N PHE A 776 -28.79 20.79 1.65
CA PHE A 776 -27.57 19.96 1.63
C PHE A 776 -26.92 19.96 3.01
N ARG A 777 -26.97 21.08 3.70
CA ARG A 777 -26.41 21.19 5.07
C ARG A 777 -27.21 20.30 6.02
N GLU A 778 -28.53 20.30 5.91
CA GLU A 778 -29.39 19.43 6.76
C GLU A 778 -29.14 17.96 6.43
N LYS A 779 -28.93 17.65 5.15
CA LYS A 779 -28.68 16.25 4.73
C LYS A 779 -27.34 15.76 5.28
N ILE A 780 -26.28 16.57 5.16
CA ILE A 780 -24.94 16.15 5.66
C ILE A 780 -24.97 16.16 7.20
N LEU A 781 -25.80 16.99 7.82
CA LEU A 781 -25.94 16.98 9.30
C LEU A 781 -26.61 15.68 9.74
N HIS A 782 -27.63 15.23 9.01
CA HIS A 782 -28.31 13.94 9.31
C HIS A 782 -27.34 12.78 9.11
N ILE A 783 -26.55 12.81 8.04
CA ILE A 783 -25.57 11.72 7.75
C ILE A 783 -24.49 11.73 8.84
N GLN A 784 -24.05 12.90 9.27
CA GLN A 784 -23.02 13.01 10.32
C GLN A 784 -23.59 12.49 11.65
N THR A 785 -24.85 12.79 11.94
CA THR A 785 -25.49 12.32 13.19
C THR A 785 -25.60 10.80 13.16
N HIS A 786 -25.98 10.24 12.02
CA HIS A 786 -26.12 8.77 11.86
C HIS A 786 -24.74 8.11 12.02
N GLU A 787 -23.71 8.70 11.41
CA GLU A 787 -22.34 8.14 11.47
C GLU A 787 -21.80 8.24 12.89
N LYS A 788 -22.11 9.33 13.59
CA LYS A 788 -21.67 9.52 14.99
C LYS A 788 -22.37 8.50 15.89
N PHE A 789 -23.65 8.24 15.64
CA PHE A 789 -24.42 7.25 16.43
C PHE A 789 -23.85 5.85 16.18
N ILE A 790 -23.49 5.56 14.93
CA ILE A 790 -22.90 4.23 14.57
C ILE A 790 -21.54 4.10 15.25
N ARG A 791 -20.74 5.16 15.25
CA ARG A 791 -19.36 5.12 15.81
C ARG A 791 -19.43 4.99 17.33
N ASP A 792 -20.32 5.73 17.98
CA ASP A 792 -20.42 5.72 19.46
C ASP A 792 -21.21 4.51 19.96
N SER A 793 -21.98 3.84 19.10
CA SER A 793 -22.76 2.62 19.51
C SER A 793 -21.86 1.38 19.47
N GLN A 794 -20.90 1.34 18.54
CA GLN A 794 -20.00 0.17 18.38
C GLN A 794 -18.74 0.37 19.22
N GLU A 795 -18.90 0.65 20.51
CA GLU A 795 -17.76 0.77 21.45
C GLU A 795 -17.62 -0.57 22.16
N LYS A 796 -16.88 -1.48 21.55
CA LYS A 796 -16.68 -2.84 22.12
C LYS A 796 -15.51 -2.76 23.09
N PRO A 797 -15.73 -3.00 24.40
CA PRO A 797 -14.63 -2.97 25.36
C PRO A 797 -13.74 -4.22 25.25
N LYS A 798 -12.62 -4.17 25.94
CA LYS A 798 -11.66 -5.31 25.96
C LYS A 798 -12.30 -6.43 26.78
N PRO A 799 -12.41 -7.66 26.22
CA PRO A 799 -13.00 -8.76 26.96
C PRO A 799 -12.08 -9.25 28.09
N VAL A 800 -12.62 -10.10 28.95
CA VAL A 800 -11.88 -10.65 30.11
C VAL A 800 -10.83 -11.62 29.58
N PRO A 801 -9.52 -11.33 29.76
CA PRO A 801 -8.49 -12.22 29.24
C PRO A 801 -8.27 -13.43 30.15
N ASP A 802 -7.92 -14.56 29.54
CA ASP A 802 -7.60 -15.80 30.27
C ASP A 802 -6.24 -15.62 30.95
N LYS A 803 -6.25 -15.45 32.27
CA LYS A 803 -5.02 -15.27 33.08
C LYS A 803 -4.39 -16.65 33.28
N GLU A 804 -3.76 -17.15 32.23
CA GLU A 804 -3.09 -18.47 32.27
C GLU A 804 -1.62 -18.32 31.86
N ASN A 805 -0.87 -19.40 32.01
CA ASN A 805 0.55 -19.46 31.61
C ASN A 805 0.64 -20.35 30.37
N LYS A 806 0.79 -19.72 29.22
CA LYS A 806 0.92 -20.46 27.93
C LYS A 806 2.28 -20.16 27.33
N LYS A 807 2.75 -21.08 26.51
CA LYS A 807 4.07 -20.97 25.84
C LYS A 807 3.85 -20.57 24.38
N LEU A 808 4.75 -19.77 23.84
CA LEU A 808 4.71 -19.33 22.43
C LEU A 808 5.72 -20.17 21.65
N LEU A 809 5.27 -21.28 21.08
CA LEU A 809 6.17 -22.16 20.29
C LEU A 809 6.47 -21.50 18.95
N CYS A 810 7.53 -21.96 18.32
CA CYS A 810 7.94 -21.47 16.98
C CYS A 810 6.92 -21.90 15.93
N ARG A 811 6.80 -21.10 14.88
CA ARG A 811 5.82 -21.36 13.80
C ARG A 811 6.38 -22.42 12.84
N LYS A 812 7.69 -22.42 12.60
CA LYS A 812 8.33 -23.36 11.66
C LYS A 812 8.90 -24.57 12.40
N CYS A 813 9.73 -24.35 13.43
CA CYS A 813 10.46 -25.43 14.12
C CYS A 813 9.63 -26.05 15.25
N LYS A 814 8.61 -25.34 15.74
CA LYS A 814 7.74 -25.77 16.87
C LYS A 814 8.60 -26.07 18.11
N ALA A 815 9.57 -25.19 18.40
CA ALA A 815 10.44 -25.30 19.58
C ALA A 815 9.96 -24.35 20.67
N LEU A 816 10.30 -24.66 21.91
CA LEU A 816 9.94 -23.80 23.06
C LEU A 816 10.75 -22.51 23.00
N ALA A 817 10.10 -21.40 22.65
CA ALA A 817 10.79 -20.09 22.58
C ALA A 817 10.70 -19.40 23.94
N CYS A 818 9.50 -19.11 24.41
CA CYS A 818 9.28 -18.38 25.68
C CYS A 818 7.87 -18.63 26.18
N TYR A 819 7.57 -18.06 27.34
CA TYR A 819 6.23 -18.11 27.95
C TYR A 819 5.53 -16.77 27.77
N THR A 820 4.22 -16.78 27.96
CA THR A 820 3.38 -15.56 27.95
C THR A 820 3.41 -14.88 29.32
N ALA A 821 3.97 -15.54 30.34
CA ALA A 821 4.10 -14.97 31.71
C ALA A 821 5.02 -13.75 31.68
N ASP A 822 6.00 -13.73 30.79
CA ASP A 822 6.94 -12.60 30.62
C ASP A 822 6.75 -11.99 29.24
N VAL A 823 5.73 -11.15 29.09
CA VAL A 823 5.47 -10.39 27.84
C VAL A 823 5.13 -8.96 28.24
N ARG A 824 5.94 -8.01 27.80
CA ARG A 824 5.81 -6.61 28.23
C ARG A 824 5.36 -5.76 27.05
N VAL A 825 4.36 -4.94 27.30
CA VAL A 825 3.80 -4.04 26.27
C VAL A 825 4.44 -2.67 26.45
N ILE A 826 5.01 -2.14 25.38
CA ILE A 826 5.82 -0.90 25.48
C ILE A 826 4.88 0.31 25.39
N GLU A 827 4.23 0.51 24.24
CA GLU A 827 3.38 1.69 24.00
C GLU A 827 2.03 1.22 23.47
N GLU A 828 1.47 0.17 24.07
CA GLU A 828 0.15 -0.43 23.71
C GLU A 828 0.15 -0.95 22.26
N CYS A 829 1.30 -1.04 21.61
CA CYS A 829 1.42 -1.54 20.22
C CYS A 829 2.54 -2.58 20.10
N HIS A 830 3.65 -2.40 20.82
CA HIS A 830 4.83 -3.29 20.69
C HIS A 830 4.91 -4.24 21.88
N TYR A 831 5.28 -5.48 21.62
CA TYR A 831 5.36 -6.54 22.64
C TYR A 831 6.78 -7.09 22.65
N THR A 832 7.42 -7.07 23.82
CA THR A 832 8.79 -7.61 24.00
C THR A 832 8.78 -8.72 25.04
N VAL A 833 9.90 -9.42 25.14
CA VAL A 833 10.11 -10.45 26.19
C VAL A 833 11.41 -10.14 26.90
N LEU A 834 11.53 -10.63 28.13
CA LEU A 834 12.75 -10.41 28.95
C LEU A 834 13.16 -11.72 29.61
N GLY A 835 14.39 -11.75 30.11
CA GLY A 835 14.97 -12.90 30.82
C GLY A 835 16.18 -13.46 30.11
N ASP A 836 17.10 -14.05 30.87
CA ASP A 836 18.36 -14.59 30.33
C ASP A 836 18.12 -15.92 29.61
N ALA A 837 16.94 -16.54 29.79
CA ALA A 837 16.57 -17.83 29.18
C ALA A 837 16.11 -17.63 27.72
N PHE A 838 16.09 -16.40 27.22
CA PHE A 838 15.65 -16.12 25.83
C PHE A 838 16.79 -15.58 24.97
N LYS A 839 17.82 -15.00 25.56
CA LYS A 839 18.95 -14.40 24.80
C LYS A 839 19.75 -15.48 24.06
N GLU A 840 19.74 -16.70 24.54
CA GLU A 840 20.45 -17.84 23.88
C GLU A 840 19.48 -18.58 22.95
N CYS A 841 18.27 -18.07 22.74
CA CYS A 841 17.24 -18.74 21.90
C CYS A 841 17.08 -18.04 20.56
N PHE A 842 17.80 -16.94 20.32
CA PHE A 842 17.70 -16.22 19.03
C PHE A 842 19.07 -15.69 18.63
N VAL A 843 19.24 -15.46 17.34
CA VAL A 843 20.49 -14.88 16.77
C VAL A 843 20.14 -13.57 16.10
N SER A 844 21.16 -12.76 15.87
CA SER A 844 21.01 -11.39 15.30
C SER A 844 21.52 -11.38 13.86
N ARG A 845 21.07 -10.38 13.12
CA ARG A 845 21.52 -10.12 11.74
C ARG A 845 21.41 -8.63 11.49
N PRO A 846 22.32 -8.02 10.69
CA PRO A 846 22.18 -6.61 10.37
C PRO A 846 20.91 -6.31 9.56
N HIS A 847 20.23 -5.22 9.92
CA HIS A 847 18.95 -4.83 9.29
C HIS A 847 19.23 -4.11 7.98
N PRO A 848 18.45 -4.40 6.91
CA PRO A 848 18.66 -3.72 5.63
C PRO A 848 18.32 -2.22 5.66
N LYS A 849 17.18 -1.86 6.22
CA LYS A 849 16.71 -0.45 6.25
C LYS A 849 16.52 -0.01 7.69
N PRO A 850 17.58 0.49 8.35
CA PRO A 850 17.45 1.00 9.71
C PRO A 850 16.80 2.39 9.76
N LYS A 851 15.85 2.56 10.67
CA LYS A 851 15.15 3.85 10.89
C LYS A 851 14.54 3.85 12.29
N GLN A 852 13.74 4.86 12.59
CA GLN A 852 13.06 5.00 13.90
C GLN A 852 11.56 5.13 13.64
N PHE A 853 10.75 4.51 14.48
CA PHE A 853 9.27 4.59 14.32
C PHE A 853 8.79 5.89 14.96
N SER A 854 8.85 5.98 16.28
CA SER A 854 8.54 7.22 17.02
C SER A 854 9.63 7.51 18.04
N SER A 855 10.08 6.49 18.78
CA SER A 855 11.15 6.64 19.80
C SER A 855 12.18 5.51 19.74
N PHE A 856 11.95 4.45 18.98
CA PHE A 856 12.87 3.27 18.91
C PHE A 856 13.97 3.55 17.90
N GLU A 857 14.73 2.53 17.55
CA GLU A 857 15.75 2.60 16.49
C GLU A 857 15.98 1.19 15.98
N LYS A 858 15.76 0.98 14.68
CA LYS A 858 15.95 -0.34 14.04
C LYS A 858 17.44 -0.69 14.10
N ARG A 859 17.81 -1.64 14.96
CA ARG A 859 19.22 -1.99 15.19
C ARG A 859 19.56 -3.32 14.50
N ALA A 860 18.77 -4.36 14.71
CA ALA A 860 19.06 -5.67 14.10
C ALA A 860 17.77 -6.42 13.82
N LYS A 861 17.88 -7.49 13.04
CA LYS A 861 16.75 -8.41 12.78
C LYS A 861 17.06 -9.74 13.45
N ILE A 862 16.08 -10.29 14.15
CA ILE A 862 16.29 -11.52 14.96
C ILE A 862 15.86 -12.74 14.15
N PHE A 863 16.44 -13.88 14.47
CA PHE A 863 16.11 -15.16 13.83
C PHE A 863 16.21 -16.25 14.87
N CYS A 864 15.62 -17.40 14.58
CA CYS A 864 15.65 -18.57 15.48
C CYS A 864 17.06 -19.14 15.53
N ALA A 865 17.51 -19.52 16.73
CA ALA A 865 18.88 -20.02 16.97
C ALA A 865 18.93 -21.54 16.83
N ARG A 866 18.02 -22.15 16.07
CA ARG A 866 18.06 -23.62 15.87
C ARG A 866 19.13 -23.98 14.83
N GLN A 867 19.21 -25.27 14.51
CA GLN A 867 20.20 -25.79 13.53
C GLN A 867 19.92 -25.22 12.14
N ASN A 868 18.71 -25.39 11.61
CA ASN A 868 18.30 -24.77 10.33
C ASN A 868 16.85 -24.34 10.45
N CYS A 869 16.61 -23.12 10.91
CA CYS A 869 15.25 -22.55 10.99
C CYS A 869 15.15 -21.32 10.10
N SER A 870 15.96 -20.28 10.35
CA SER A 870 15.99 -19.02 9.58
C SER A 870 14.60 -18.38 9.54
N HIS A 871 13.90 -18.40 10.67
CA HIS A 871 12.52 -17.85 10.76
C HIS A 871 12.56 -16.42 11.29
N ASP A 872 11.84 -15.52 10.64
CA ASP A 872 11.79 -14.10 11.08
C ASP A 872 10.88 -13.99 12.31
N TRP A 873 11.47 -13.92 13.49
CA TRP A 873 10.69 -13.84 14.75
C TRP A 873 10.20 -12.43 14.99
N GLY A 874 11.03 -11.43 14.73
CA GLY A 874 10.68 -10.02 14.99
C GLY A 874 11.80 -9.07 14.63
N ILE A 875 12.10 -8.14 15.52
CA ILE A 875 13.18 -7.15 15.30
C ILE A 875 13.82 -6.82 16.64
N HIS A 876 15.01 -6.24 16.61
CA HIS A 876 15.78 -5.88 17.81
C HIS A 876 16.06 -4.38 17.76
N VAL A 877 15.52 -3.65 18.72
CA VAL A 877 15.61 -2.17 18.75
C VAL A 877 16.23 -1.74 20.08
N LYS A 878 16.35 -0.43 20.26
CA LYS A 878 16.82 0.17 21.53
C LYS A 878 15.76 1.18 21.96
N TYR A 879 15.14 0.96 23.11
CA TYR A 879 13.95 1.73 23.51
C TYR A 879 14.36 3.14 23.97
N LYS A 880 15.01 3.23 25.12
CA LYS A 880 15.51 4.53 25.64
C LYS A 880 17.02 4.49 25.82
N THR A 881 17.52 3.52 26.57
CA THR A 881 18.98 3.34 26.77
C THR A 881 19.33 1.85 26.78
N PHE A 882 18.37 0.98 26.53
CA PHE A 882 18.60 -0.49 26.55
C PHE A 882 18.02 -1.10 25.29
N GLU A 883 18.70 -2.13 24.81
CA GLU A 883 18.29 -2.87 23.59
C GLU A 883 17.34 -3.99 23.99
N ILE A 884 16.22 -4.09 23.29
CA ILE A 884 15.21 -5.17 23.52
C ILE A 884 14.75 -5.70 22.18
N PRO A 885 14.51 -7.01 22.08
CA PRO A 885 13.84 -7.58 20.92
C PRO A 885 12.31 -7.57 21.05
N VAL A 886 11.65 -6.96 20.07
CA VAL A 886 10.17 -6.97 19.97
C VAL A 886 9.78 -7.96 18.89
N ILE A 887 8.90 -8.88 19.25
CA ILE A 887 8.50 -10.00 18.37
C ILE A 887 7.10 -9.74 17.84
N LYS A 888 6.72 -10.50 16.83
CA LYS A 888 5.36 -10.46 16.25
C LYS A 888 4.74 -11.84 16.44
N ILE A 889 3.48 -11.87 16.82
CA ILE A 889 2.77 -13.16 17.08
C ILE A 889 2.45 -13.83 15.74
N GLU A 890 2.54 -13.12 14.63
CA GLU A 890 2.25 -13.65 13.28
C GLU A 890 3.18 -14.81 12.97
N SER A 891 4.45 -14.72 13.35
CA SER A 891 5.40 -15.85 13.25
C SER A 891 5.44 -16.57 14.60
N PHE A 892 4.27 -16.89 15.14
CA PHE A 892 4.18 -17.60 16.43
C PHE A 892 2.87 -18.38 16.46
N VAL A 893 2.86 -19.42 17.30
CA VAL A 893 1.65 -20.23 17.55
C VAL A 893 1.43 -20.26 19.06
N VAL A 894 0.22 -19.97 19.49
CA VAL A 894 -0.11 -19.92 20.94
C VAL A 894 -0.58 -21.31 21.35
N GLU A 895 0.24 -21.99 22.15
CA GLU A 895 -0.09 -23.33 22.68
C GLU A 895 -0.41 -23.21 24.17
N ASP A 896 -1.56 -23.70 24.58
CA ASP A 896 -1.98 -23.64 25.99
C ASP A 896 -1.39 -24.81 26.76
N ILE A 897 -0.96 -24.56 27.99
CA ILE A 897 -0.29 -25.59 28.83
C ILE A 897 -1.37 -26.43 29.51
N ALA A 898 -2.42 -25.79 30.03
CA ALA A 898 -3.48 -26.45 30.81
C ALA A 898 -4.28 -27.41 29.91
N THR A 899 -4.84 -26.90 28.83
CA THR A 899 -5.72 -27.69 27.95
C THR A 899 -4.85 -28.60 27.08
N GLY A 900 -3.95 -28.00 26.30
CA GLY A 900 -3.04 -28.72 25.40
C GLY A 900 -3.21 -28.37 23.94
N VAL A 901 -4.35 -27.80 23.55
CA VAL A 901 -4.58 -27.39 22.13
C VAL A 901 -3.73 -26.17 21.81
N GLN A 902 -3.46 -25.97 20.53
CA GLN A 902 -2.67 -24.82 20.03
C GLN A 902 -3.50 -24.08 18.99
N THR A 903 -3.82 -22.83 19.26
CA THR A 903 -4.56 -21.95 18.33
C THR A 903 -3.55 -21.22 17.43
N LEU A 904 -4.03 -20.26 16.66
CA LEU A 904 -3.17 -19.53 15.70
C LEU A 904 -3.76 -18.16 15.46
N TYR A 905 -3.04 -17.12 15.85
CA TYR A 905 -3.44 -15.71 15.64
C TYR A 905 -2.62 -15.11 14.50
N SER A 906 -3.02 -13.92 14.05
CA SER A 906 -2.35 -13.18 12.95
C SER A 906 -1.83 -11.84 13.49
N LYS A 907 -2.65 -11.09 14.21
CA LYS A 907 -2.24 -9.78 14.77
C LYS A 907 -2.21 -9.86 16.30
N TRP A 908 -1.73 -8.80 16.92
CA TRP A 908 -1.61 -8.73 18.38
C TRP A 908 -2.94 -8.32 19.02
N LYS A 909 -3.82 -7.68 18.27
CA LYS A 909 -5.13 -7.24 18.82
C LYS A 909 -6.02 -8.46 19.03
N ASP A 910 -5.86 -9.48 18.20
CA ASP A 910 -6.68 -10.72 18.30
C ASP A 910 -6.21 -11.55 19.49
N PHE A 911 -4.98 -11.37 19.96
CA PHE A 911 -4.46 -12.16 21.10
C PHE A 911 -4.85 -11.46 22.40
N HIS A 912 -5.63 -12.14 23.22
CA HIS A 912 -6.11 -11.60 24.53
C HIS A 912 -5.47 -12.40 25.64
N PHE A 913 -4.70 -11.74 26.50
CA PHE A 913 -4.00 -12.39 27.62
C PHE A 913 -3.73 -11.35 28.70
N GLU A 914 -3.14 -11.80 29.80
CA GLU A 914 -2.74 -10.92 30.92
C GLU A 914 -1.49 -10.17 30.47
N LYS A 915 -1.69 -8.99 29.89
CA LYS A 915 -0.59 -8.19 29.32
C LYS A 915 -0.10 -7.23 30.39
N ILE A 916 1.14 -7.39 30.82
CA ILE A 916 1.75 -6.48 31.82
C ILE A 916 2.46 -5.37 31.07
N PRO A 917 2.24 -4.10 31.44
CA PRO A 917 2.97 -3.00 30.83
C PRO A 917 4.47 -3.05 31.12
N PHE A 918 5.25 -2.40 30.26
CA PHE A 918 6.72 -2.42 30.34
C PHE A 918 7.17 -1.53 31.49
N ASP A 919 7.99 -2.08 32.38
CA ASP A 919 8.61 -1.32 33.49
C ASP A 919 10.02 -0.93 33.07
N PRO A 920 10.53 0.26 33.47
CA PRO A 920 11.90 0.64 33.14
C PRO A 920 12.95 -0.11 33.95
N ALA A 921 12.53 -0.81 35.00
CA ALA A 921 13.40 -1.62 35.87
C ALA A 921 13.70 -2.97 35.22
N GLU A 922 14.38 -3.85 35.96
CA GLU A 922 14.70 -5.26 35.58
C GLU A 922 15.56 -5.24 34.31
#